data_9DP5
#
_entry.id   9DP5
#
_cell.length_a   49.400
_cell.length_b   49.440
_cell.length_c   83.040
_cell.angle_alpha   83.109
_cell.angle_beta   80.171
_cell.angle_gamma   71.060
#
_symmetry.space_group_name_H-M   'P 1'
#
loop_
_entity.id
_entity.type
_entity.pdbx_description
1 polymer 'Double-stranded RNA-specific editase Adar-like'
2 non-polymer 'ZINC ION'
3 non-polymer 'INOSITOL HEXAKISPHOSPHATE'
4 non-polymer 1,2-ETHANEDIOL
5 non-polymer 'CHLORIDE ION'
6 water water
#
_entity_poly.entity_id   1
_entity_poly.type   'polypeptide(L)'
_entity_poly.pdbx_seq_one_letter_code
;ADDEPKNEISAEFSDSIADAVQNRFAALLQDENQSKVIAAFVLCIYEGEDVAPKLKVISIGTGTKCISGEQIGQKGETLN
DCHGEIIACRGFRQFLYDELVKSLQKKTDVIFKSKGNGKFVLKPNIKVYLYINTAPCGDGRVFSLHVQQGAKNKTAGMLR
TKIENGQGTIPVPEKSIQTSDGILEGERLRTMSCSDKILKWNVLGVQGALLSLFIEPIYLHGIVVGLHYNYDTLKRALIK
RIAKMDSFSQPYQLNLPSLGHPSKIDAVRDTSKSTSNSFNWYYGQNTVEAVNSITGQTVIQTPSRLCKLAFFDKLRLVIS
LSSNRFAFQTYHDAKMLAKEYQSTKEYFFKALSESLCGKWIGKPYEHDMFGY
;
_entity_poly.pdbx_strand_id   A,B
#
# COMPACT_ATOMS: atom_id res chain seq x y z
N LYS A 6 -12.46 14.01 18.04
CA LYS A 6 -11.49 12.92 17.76
C LYS A 6 -12.18 11.56 17.89
N ASN A 7 -12.31 11.04 19.11
CA ASN A 7 -13.04 9.81 19.37
C ASN A 7 -12.13 8.59 19.22
N GLU A 8 -11.04 8.64 20.00
CA GLU A 8 -9.99 7.62 19.97
C GLU A 8 -10.00 6.91 21.33
N ILE A 9 -10.03 5.58 21.29
CA ILE A 9 -9.84 4.77 22.48
C ILE A 9 -8.44 5.04 23.06
N SER A 10 -8.32 5.09 24.38
CA SER A 10 -7.02 5.31 25.02
C SER A 10 -6.07 4.16 24.72
N ALA A 11 -4.77 4.42 24.80
CA ALA A 11 -3.79 3.37 24.61
C ALA A 11 -3.98 2.29 25.66
N GLU A 12 -4.30 2.68 26.90
CA GLU A 12 -4.40 1.69 27.96
C GLU A 12 -5.53 0.72 27.65
N PHE A 13 -6.66 1.23 27.17
CA PHE A 13 -7.82 0.35 26.90
C PHE A 13 -7.57 -0.49 25.64
N SER A 14 -6.93 0.09 24.62
CA SER A 14 -6.58 -0.69 23.43
C SER A 14 -5.62 -1.82 23.78
N ASP A 15 -4.65 -1.54 24.67
CA ASP A 15 -3.73 -2.57 25.15
C ASP A 15 -4.46 -3.63 25.96
N SER A 16 -5.47 -3.21 26.74
CA SER A 16 -6.31 -4.17 27.45
C SER A 16 -6.96 -5.12 26.45
N ILE A 17 -7.56 -4.59 25.38
CA ILE A 17 -8.24 -5.45 24.39
C ILE A 17 -7.23 -6.35 23.71
N ALA A 18 -6.09 -5.78 23.29
CA ALA A 18 -5.08 -6.56 22.59
C ALA A 18 -4.51 -7.65 23.48
N ASP A 19 -4.32 -7.34 24.77
CA ASP A 19 -3.82 -8.32 25.73
C ASP A 19 -4.77 -9.50 25.87
N ALA A 20 -6.08 -9.24 25.97
CA ALA A 20 -7.04 -10.33 26.16
C ALA A 20 -7.07 -11.23 24.92
N VAL A 21 -6.96 -10.62 23.73
CA VAL A 21 -6.93 -11.42 22.50
C VAL A 21 -5.66 -12.27 22.48
N GLN A 22 -4.52 -11.67 22.84
CA GLN A 22 -3.25 -12.40 22.91
C GLN A 22 -3.37 -13.59 23.86
N ASN A 23 -3.96 -13.40 25.05
CA ASN A 23 -4.03 -14.49 26.01
C ASN A 23 -4.88 -15.65 25.49
N ARG A 24 -6.03 -15.34 24.87
CA ARG A 24 -6.94 -16.37 24.38
C ARG A 24 -6.26 -17.12 23.23
N PHE A 25 -5.59 -16.38 22.34
CA PHE A 25 -4.90 -16.97 21.21
C PHE A 25 -3.87 -18.01 21.68
N ALA A 26 -3.06 -17.66 22.67
CA ALA A 26 -2.05 -18.57 23.20
C ALA A 26 -2.68 -19.78 23.88
N ALA A 27 -3.86 -19.62 24.46
CA ALA A 27 -4.54 -20.73 25.12
C ALA A 27 -5.08 -21.74 24.11
N LEU A 28 -5.26 -21.32 22.84
CA LEU A 28 -5.89 -22.12 21.80
C LEU A 28 -4.87 -22.76 20.86
N LEU A 29 -3.87 -21.99 20.42
CA LEU A 29 -2.90 -22.45 19.43
C LEU A 29 -1.68 -23.05 20.12
N GLN A 30 -1.24 -24.21 19.61
CA GLN A 30 -0.03 -24.88 20.05
C GLN A 30 1.20 -24.09 19.60
N ASP A 31 2.16 -23.89 20.53
CA ASP A 31 3.24 -22.94 20.38
C ASP A 31 3.78 -22.91 18.95
N GLU A 32 3.26 -21.96 18.15
CA GLU A 32 3.72 -21.70 16.79
C GLU A 32 2.91 -20.54 16.22
N ASN A 33 3.60 -19.48 15.73
CA ASN A 33 2.93 -18.30 15.20
C ASN A 33 3.27 -18.12 13.72
N GLN A 34 2.50 -18.78 12.86
CA GLN A 34 2.61 -18.57 11.43
C GLN A 34 1.44 -17.75 10.91
N SER A 35 0.48 -17.40 11.78
CA SER A 35 -0.64 -16.58 11.38
C SER A 35 -0.15 -15.16 11.20
N LYS A 36 -0.60 -14.53 10.12
CA LYS A 36 -0.19 -13.17 9.77
C LYS A 36 -1.31 -12.21 10.18
N VAL A 37 -2.57 -12.58 9.94
CA VAL A 37 -3.68 -11.71 10.29
C VAL A 37 -4.44 -12.42 11.42
N ILE A 38 -4.61 -11.73 12.54
CA ILE A 38 -5.39 -12.21 13.67
C ILE A 38 -6.47 -11.17 13.97
N ALA A 39 -7.72 -11.63 14.05
CA ALA A 39 -8.83 -10.78 14.44
C ALA A 39 -9.68 -11.47 15.49
N ALA A 40 -10.47 -10.67 16.19
CA ALA A 40 -11.30 -11.19 17.26
C ALA A 40 -12.46 -10.26 17.50
N PHE A 41 -13.53 -10.85 18.00
CA PHE A 41 -14.59 -10.05 18.60
C PHE A 41 -14.54 -10.14 20.12
N VAL A 42 -14.59 -8.98 20.79
CA VAL A 42 -14.39 -8.91 22.22
C VAL A 42 -15.60 -8.23 22.88
N LEU A 43 -16.23 -8.95 23.84
CA LEU A 43 -17.24 -8.34 24.68
C LEU A 43 -16.60 -7.57 25.84
N CYS A 44 -17.08 -6.36 26.02
CA CYS A 44 -16.82 -5.55 27.18
C CYS A 44 -18.07 -5.45 28.04
N ILE A 45 -18.06 -6.13 29.20
CA ILE A 45 -19.21 -6.31 30.05
C ILE A 45 -19.10 -5.47 31.33
N TYR A 46 -19.97 -4.47 31.48
CA TYR A 46 -19.96 -3.64 32.68
C TYR A 46 -20.89 -4.25 33.74
N GLU A 47 -20.40 -4.28 34.98
CA GLU A 47 -21.16 -4.70 36.15
C GLU A 47 -21.86 -3.48 36.74
N GLY A 48 -21.10 -2.42 36.99
CA GLY A 48 -21.61 -1.06 37.03
C GLY A 48 -20.73 -0.18 36.15
N GLU A 49 -21.13 1.08 35.94
CA GLU A 49 -20.37 1.95 35.04
C GLU A 49 -19.34 2.75 35.83
N ASP A 50 -19.10 2.34 37.09
CA ASP A 50 -18.10 2.97 37.97
C ASP A 50 -16.83 2.11 38.08
N VAL A 51 -16.93 0.81 37.78
CA VAL A 51 -15.80 -0.10 37.86
C VAL A 51 -15.40 -0.51 36.45
N ALA A 52 -14.15 -0.95 36.31
CA ALA A 52 -13.64 -1.43 35.04
C ALA A 52 -14.51 -2.57 34.53
N PRO A 53 -14.66 -2.69 33.20
CA PRO A 53 -15.47 -3.78 32.63
C PRO A 53 -14.68 -5.08 32.59
N LYS A 54 -15.41 -6.19 32.48
CA LYS A 54 -14.84 -7.49 32.16
C LYS A 54 -14.74 -7.61 30.63
N LEU A 55 -13.56 -8.02 30.14
CA LEU A 55 -13.32 -8.29 28.74
C LEU A 55 -13.41 -9.80 28.53
N LYS A 56 -14.13 -10.21 27.48
CA LYS A 56 -14.35 -11.61 27.16
C LYS A 56 -14.25 -11.79 25.64
N VAL A 57 -13.22 -12.53 25.22
CA VAL A 57 -12.94 -12.76 23.81
C VAL A 57 -13.94 -13.83 23.31
N ILE A 58 -14.76 -13.47 22.32
CA ILE A 58 -15.86 -14.33 21.90
C ILE A 58 -15.50 -15.11 20.64
N SER A 59 -14.71 -14.48 19.75
CA SER A 59 -14.31 -15.19 18.54
C SER A 59 -12.93 -14.73 18.10
N ILE A 60 -12.24 -15.66 17.44
CA ILE A 60 -10.95 -15.46 16.81
C ILE A 60 -11.01 -16.02 15.40
N GLY A 61 -10.42 -15.27 14.46
CA GLY A 61 -10.14 -15.72 13.12
C GLY A 61 -8.74 -15.30 12.65
N THR A 62 -8.15 -16.18 11.85
CA THR A 62 -6.94 -15.86 11.12
C THR A 62 -7.18 -16.11 9.64
N GLY A 63 -6.23 -15.66 8.83
CA GLY A 63 -6.29 -15.91 7.41
C GLY A 63 -6.08 -14.64 6.60
N THR A 64 -5.64 -14.83 5.36
CA THR A 64 -5.19 -13.77 4.48
C THR A 64 -5.64 -14.05 3.03
N LYS A 65 -6.48 -15.06 2.82
CA LYS A 65 -6.78 -15.53 1.48
C LYS A 65 -8.27 -15.80 1.33
N CYS A 66 -8.71 -15.88 0.06
CA CYS A 66 -10.06 -16.32 -0.25
C CYS A 66 -10.04 -17.20 -1.50
N ILE A 67 -11.23 -17.64 -1.88
CA ILE A 67 -11.40 -18.65 -2.92
C ILE A 67 -11.42 -17.94 -4.29
N SER A 68 -10.90 -18.59 -5.33
CA SER A 68 -11.25 -18.23 -6.70
C SER A 68 -12.66 -18.74 -7.00
N GLY A 69 -13.28 -18.18 -8.05
CA GLY A 69 -14.53 -18.71 -8.58
C GLY A 69 -14.44 -20.22 -8.86
N GLU A 70 -13.22 -20.71 -9.03
CA GLU A 70 -12.96 -22.12 -9.33
C GLU A 70 -13.62 -23.05 -8.32
N GLN A 71 -13.26 -22.92 -7.03
CA GLN A 71 -13.65 -23.93 -6.05
C GLN A 71 -15.02 -23.64 -5.44
N ILE A 72 -15.63 -22.50 -5.79
CA ILE A 72 -16.91 -22.14 -5.20
C ILE A 72 -17.90 -23.26 -5.45
N GLY A 73 -18.51 -23.75 -4.35
CA GLY A 73 -19.62 -24.69 -4.43
C GLY A 73 -20.94 -23.95 -4.57
N GLN A 74 -22.04 -24.70 -4.49
CA GLN A 74 -23.37 -24.12 -4.61
C GLN A 74 -24.35 -24.85 -3.67
N LYS A 75 -23.80 -25.58 -2.69
CA LYS A 75 -24.56 -26.14 -1.59
C LYS A 75 -24.33 -25.34 -0.30
N GLY A 76 -23.58 -24.23 -0.38
CA GLY A 76 -23.30 -23.42 0.80
C GLY A 76 -22.34 -24.11 1.76
N GLU A 77 -21.49 -24.99 1.22
CA GLU A 77 -20.52 -25.75 1.99
C GLU A 77 -19.09 -25.23 1.79
N THR A 78 -18.94 -24.04 1.18
CA THR A 78 -17.64 -23.48 0.86
C THR A 78 -17.55 -22.06 1.40
N LEU A 79 -16.45 -21.75 2.12
CA LEU A 79 -16.22 -20.42 2.62
C LEU A 79 -15.69 -19.54 1.49
N ASN A 80 -16.36 -18.42 1.25
CA ASN A 80 -15.95 -17.49 0.21
C ASN A 80 -14.75 -16.66 0.62
N ASP A 81 -14.61 -16.33 1.91
CA ASP A 81 -13.65 -15.32 2.35
C ASP A 81 -13.04 -15.77 3.68
N CYS A 82 -11.73 -16.04 3.68
CA CYS A 82 -11.06 -16.49 4.88
C CYS A 82 -10.08 -15.45 5.42
N HIS A 83 -10.31 -14.15 5.13
CA HIS A 83 -9.54 -13.14 5.86
C HIS A 83 -9.93 -13.18 7.33
N GLY A 84 -8.93 -13.13 8.23
CA GLY A 84 -9.18 -13.30 9.65
C GLY A 84 -10.32 -12.44 10.20
N GLU A 85 -10.45 -11.18 9.78
CA GLU A 85 -11.52 -10.33 10.29
C GLU A 85 -12.92 -10.86 9.98
N ILE A 86 -13.12 -11.38 8.77
CA ILE A 86 -14.39 -11.95 8.30
C ILE A 86 -14.66 -13.27 8.99
N ILE A 87 -13.60 -14.08 9.18
CA ILE A 87 -13.73 -15.34 9.86
C ILE A 87 -14.13 -15.10 11.31
N ALA A 88 -13.54 -14.07 11.95
CA ALA A 88 -13.90 -13.71 13.32
C ALA A 88 -15.39 -13.33 13.42
N CYS A 89 -15.90 -12.59 12.42
CA CYS A 89 -17.29 -12.16 12.44
C CYS A 89 -18.24 -13.35 12.30
N ARG A 90 -17.88 -14.31 11.44
CA ARG A 90 -18.72 -15.48 11.23
C ARG A 90 -18.83 -16.24 12.54
N GLY A 91 -17.69 -16.50 13.20
CA GLY A 91 -17.71 -17.15 14.50
C GLY A 91 -18.56 -16.38 15.52
N PHE A 92 -18.44 -15.07 15.54
CA PHE A 92 -19.26 -14.29 16.43
C PHE A 92 -20.75 -14.48 16.07
N ARG A 93 -21.08 -14.65 14.78
CA ARG A 93 -22.45 -14.88 14.36
CA ARG A 93 -22.45 -14.88 14.36
C ARG A 93 -22.95 -16.22 14.93
N GLN A 94 -22.11 -17.26 14.85
CA GLN A 94 -22.48 -18.55 15.42
C GLN A 94 -22.77 -18.43 16.91
N PHE A 95 -21.92 -17.67 17.60
CA PHE A 95 -22.12 -17.37 19.00
C PHE A 95 -23.48 -16.70 19.23
N LEU A 96 -23.79 -15.68 18.44
CA LEU A 96 -25.07 -15.01 18.52
C LEU A 96 -26.20 -16.04 18.39
N TYR A 97 -26.09 -16.98 17.43
CA TYR A 97 -27.10 -18.01 17.24
C TYR A 97 -27.26 -18.84 18.50
N ASP A 98 -26.15 -19.36 19.04
CA ASP A 98 -26.17 -20.19 20.23
C ASP A 98 -26.81 -19.44 21.40
N GLU A 99 -26.51 -18.15 21.52
CA GLU A 99 -27.07 -17.34 22.58
C GLU A 99 -28.57 -17.15 22.37
N LEU A 100 -28.95 -16.96 21.10
CA LEU A 100 -30.35 -16.79 20.71
C LEU A 100 -31.15 -18.05 21.06
N VAL A 101 -30.54 -19.22 20.86
CA VAL A 101 -31.19 -20.49 21.21
C VAL A 101 -31.47 -20.48 22.70
N LYS A 102 -30.42 -20.28 23.51
CA LYS A 102 -30.53 -20.23 24.96
C LYS A 102 -31.68 -19.31 25.38
N SER A 103 -31.76 -18.12 24.77
CA SER A 103 -32.78 -17.15 25.13
C SER A 103 -34.17 -17.70 24.81
N LEU A 104 -34.26 -18.52 23.75
CA LEU A 104 -35.54 -19.07 23.31
C LEU A 104 -35.93 -20.26 24.19
N GLN A 105 -34.94 -21.04 24.63
CA GLN A 105 -35.08 -22.04 25.66
C GLN A 105 -35.10 -21.37 27.05
N LYS A 106 -35.44 -20.06 27.08
CA LYS A 106 -35.63 -19.28 28.30
C LYS A 106 -34.56 -19.55 29.36
N LYS A 107 -33.28 -19.42 29.00
CA LYS A 107 -32.21 -19.51 29.98
C LYS A 107 -31.93 -18.10 30.51
N THR A 108 -31.17 -18.01 31.60
CA THR A 108 -30.90 -16.73 32.25
C THR A 108 -29.53 -16.20 31.84
N ASP A 109 -28.50 -17.07 31.83
CA ASP A 109 -27.14 -16.67 31.49
C ASP A 109 -27.06 -16.43 29.99
N VAL A 110 -27.56 -15.26 29.56
CA VAL A 110 -27.65 -14.93 28.15
C VAL A 110 -27.36 -13.44 27.97
N ILE A 111 -26.88 -13.08 26.78
CA ILE A 111 -26.52 -11.70 26.48
C ILE A 111 -27.75 -10.89 26.06
N PHE A 112 -28.88 -11.58 25.81
CA PHE A 112 -30.04 -10.93 25.23
C PHE A 112 -31.11 -10.73 26.30
N LYS A 113 -31.97 -9.73 26.10
CA LYS A 113 -33.26 -9.62 26.77
C LYS A 113 -34.33 -9.35 25.70
N SER A 114 -35.61 -9.50 26.06
CA SER A 114 -36.68 -9.29 25.09
C SER A 114 -36.96 -7.79 24.97
N LYS A 115 -37.51 -7.37 23.82
CA LYS A 115 -37.67 -5.95 23.52
C LYS A 115 -39.15 -5.57 23.38
N GLY A 116 -40.06 -6.53 23.56
CA GLY A 116 -41.49 -6.24 23.45
C GLY A 116 -41.91 -5.91 22.02
N ASN A 117 -41.18 -6.48 21.05
CA ASN A 117 -41.62 -6.48 19.65
C ASN A 117 -41.45 -7.86 19.04
N GLY A 118 -41.18 -8.88 19.87
CA GLY A 118 -40.87 -10.22 19.39
C GLY A 118 -39.36 -10.47 19.26
N LYS A 119 -38.58 -9.38 19.13
CA LYS A 119 -37.17 -9.46 18.77
C LYS A 119 -36.30 -9.14 19.98
N PHE A 120 -35.24 -9.93 20.17
CA PHE A 120 -34.32 -9.72 21.28
C PHE A 120 -33.44 -8.49 21.02
N VAL A 121 -32.94 -7.88 22.10
CA VAL A 121 -31.96 -6.81 22.02
C VAL A 121 -30.81 -7.16 22.97
N LEU A 122 -29.59 -6.77 22.58
CA LEU A 122 -28.41 -7.04 23.36
C LEU A 122 -28.50 -6.20 24.63
N LYS A 123 -28.21 -6.81 25.78
CA LYS A 123 -28.26 -6.10 27.04
C LYS A 123 -27.38 -4.86 26.98
N PRO A 124 -27.85 -3.71 27.52
CA PRO A 124 -27.14 -2.45 27.33
C PRO A 124 -25.82 -2.29 28.09
N ASN A 125 -25.47 -3.26 28.97
CA ASN A 125 -24.22 -3.23 29.70
C ASN A 125 -23.11 -3.99 28.95
N ILE A 126 -23.44 -4.53 27.76
CA ILE A 126 -22.52 -5.28 26.93
C ILE A 126 -22.16 -4.48 25.69
N LYS A 127 -20.86 -4.31 25.43
CA LYS A 127 -20.37 -3.54 24.29
C LYS A 127 -19.49 -4.45 23.45
N VAL A 128 -19.57 -4.35 22.13
CA VAL A 128 -18.79 -5.22 21.25
C VAL A 128 -17.62 -4.46 20.65
N TYR A 129 -16.41 -5.02 20.73
CA TYR A 129 -15.23 -4.43 20.10
C TYR A 129 -14.69 -5.43 19.08
N LEU A 130 -14.25 -4.88 17.94
CA LEU A 130 -13.46 -5.60 16.95
C LEU A 130 -11.99 -5.27 17.13
N TYR A 131 -11.15 -6.32 17.18
CA TYR A 131 -9.71 -6.21 17.19
C TYR A 131 -9.16 -6.83 15.91
N ILE A 132 -8.18 -6.16 15.30
CA ILE A 132 -7.40 -6.72 14.21
C ILE A 132 -5.95 -6.32 14.44
N ASN A 133 -5.04 -7.26 14.22
CA ASN A 133 -3.63 -6.99 14.48
C ASN A 133 -3.02 -6.13 13.35
N THR A 134 -3.77 -5.91 12.27
CA THR A 134 -3.32 -5.07 11.17
C THR A 134 -4.52 -4.41 10.51
N ALA A 135 -4.29 -3.22 9.91
CA ALA A 135 -5.35 -2.48 9.25
C ALA A 135 -6.03 -3.37 8.21
N PRO A 136 -7.37 -3.31 8.07
CA PRO A 136 -8.07 -4.21 7.18
C PRO A 136 -7.77 -3.91 5.70
N CYS A 137 -7.69 -4.95 4.88
CA CYS A 137 -7.44 -4.72 3.46
C CYS A 137 -8.48 -3.77 2.86
N GLY A 138 -8.08 -3.09 1.77
CA GLY A 138 -8.93 -2.12 1.10
C GLY A 138 -8.62 -0.69 1.58
N ASP A 139 -9.69 0.15 1.67
CA ASP A 139 -9.55 1.58 1.87
C ASP A 139 -8.80 1.94 3.16
N GLY A 140 -8.82 1.02 4.13
CA GLY A 140 -8.19 1.21 5.43
C GLY A 140 -6.66 1.14 5.41
N ARG A 141 -6.08 0.80 4.24
CA ARG A 141 -4.64 0.77 4.06
CA ARG A 141 -4.65 0.78 4.06
C ARG A 141 -4.25 1.81 3.01
N VAL A 142 -5.19 2.69 2.65
CA VAL A 142 -4.90 3.76 1.72
C VAL A 142 -4.69 5.04 2.51
N PHE A 143 -3.48 5.62 2.43
CA PHE A 143 -3.09 6.81 3.16
C PHE A 143 -3.10 8.03 2.23
N SER A 144 -4.09 8.91 2.39
CA SER A 144 -4.26 10.07 1.54
C SER A 144 -4.73 11.28 2.35
N LEU A 145 -4.22 12.46 2.01
CA LEU A 145 -4.63 13.71 2.65
C LEU A 145 -5.94 14.23 2.03
N HIS A 146 -6.68 15.05 2.81
CA HIS A 146 -7.95 15.61 2.38
C HIS A 146 -7.71 16.66 1.29
N VAL A 147 -7.56 16.19 0.05
CA VAL A 147 -7.26 17.07 -1.07
C VAL A 147 -7.61 16.38 -2.39
N ASN A 153 -7.51 13.43 -4.47
CA ASN A 153 -7.33 11.96 -4.24
C ASN A 153 -8.17 11.17 -5.24
N LYS A 154 -7.53 10.22 -5.93
CA LYS A 154 -8.23 9.34 -6.85
C LYS A 154 -8.86 8.17 -6.10
N THR A 155 -8.04 7.24 -5.60
CA THR A 155 -8.53 5.92 -5.24
C THR A 155 -8.97 5.90 -3.77
N ALA A 156 -8.55 6.89 -2.98
CA ALA A 156 -8.93 6.98 -1.57
C ALA A 156 -10.45 7.09 -1.45
N GLY A 157 -11.05 6.18 -0.67
CA GLY A 157 -12.49 6.20 -0.44
C GLY A 157 -13.25 5.20 -1.31
N MET A 158 -12.58 4.59 -2.30
CA MET A 158 -13.27 3.70 -3.23
C MET A 158 -13.53 2.34 -2.59
N LEU A 159 -14.63 1.71 -3.00
CA LEU A 159 -14.82 0.28 -2.77
C LEU A 159 -13.71 -0.49 -3.49
N ARG A 160 -13.19 -1.54 -2.84
CA ARG A 160 -12.17 -2.39 -3.45
C ARG A 160 -12.53 -3.86 -3.34
N THR A 161 -11.99 -4.68 -4.26
CA THR A 161 -12.21 -6.11 -4.28
C THR A 161 -10.89 -6.82 -4.00
N LYS A 162 -10.96 -8.00 -3.38
CA LYS A 162 -9.76 -8.76 -3.06
C LYS A 162 -9.21 -9.39 -4.34
N ILE A 163 -7.87 -9.53 -4.42
CA ILE A 163 -7.19 -9.95 -5.64
C ILE A 163 -6.50 -11.29 -5.38
N GLU A 164 -6.23 -12.06 -6.44
CA GLU A 164 -5.34 -13.22 -6.42
C GLU A 164 -5.47 -14.03 -5.13
N ASN A 165 -6.70 -14.54 -4.89
CA ASN A 165 -6.99 -15.34 -3.72
C ASN A 165 -6.72 -14.55 -2.42
N GLY A 166 -7.08 -13.26 -2.37
CA GLY A 166 -7.05 -12.50 -1.13
C GLY A 166 -5.93 -11.45 -1.04
N GLN A 167 -4.73 -11.76 -1.58
CA GLN A 167 -3.55 -10.95 -1.32
C GLN A 167 -3.49 -9.71 -2.22
N GLY A 168 -4.08 -8.59 -1.77
CA GLY A 168 -4.15 -7.35 -2.52
C GLY A 168 -5.61 -6.93 -2.75
N THR A 169 -5.87 -5.62 -2.83
CA THR A 169 -7.19 -5.13 -3.25
C THR A 169 -7.02 -4.08 -4.35
N ILE A 170 -8.00 -4.01 -5.25
CA ILE A 170 -8.01 -3.02 -6.32
C ILE A 170 -9.43 -2.44 -6.40
N PRO A 171 -9.57 -1.15 -6.77
CA PRO A 171 -10.87 -0.50 -6.94
C PRO A 171 -11.81 -1.38 -7.76
N VAL A 172 -13.09 -1.34 -7.38
CA VAL A 172 -14.14 -2.02 -8.11
C VAL A 172 -14.17 -1.55 -9.56
N PRO A 173 -14.47 -2.47 -10.51
CA PRO A 173 -14.61 -2.14 -11.92
C PRO A 173 -15.63 -1.01 -12.01
N GLU A 174 -15.20 0.12 -12.55
CA GLU A 174 -15.98 1.35 -12.52
C GLU A 174 -16.64 1.55 -13.89
N GLU A 187 -11.71 -13.60 -12.75
CA GLU A 187 -12.04 -12.18 -12.49
C GLU A 187 -13.54 -11.93 -12.66
N ARG A 188 -14.35 -12.98 -12.46
CA ARG A 188 -15.74 -12.99 -12.92
C ARG A 188 -16.63 -12.23 -11.95
N LEU A 189 -16.74 -12.74 -10.71
CA LEU A 189 -17.58 -12.14 -9.67
C LEU A 189 -16.90 -12.24 -8.30
N ARG A 190 -16.35 -11.10 -7.83
CA ARG A 190 -15.28 -11.05 -6.86
C ARG A 190 -15.79 -10.77 -5.44
N THR A 191 -14.84 -10.62 -4.51
CA THR A 191 -15.11 -10.47 -3.09
C THR A 191 -14.72 -9.06 -2.64
N MET A 192 -15.58 -8.41 -1.85
CA MET A 192 -15.30 -7.06 -1.37
C MET A 192 -14.21 -7.11 -0.28
N SER A 193 -13.45 -6.00 -0.20
CA SER A 193 -12.38 -5.87 0.78
C SER A 193 -12.92 -5.86 2.20
N CYS A 194 -12.07 -6.18 3.18
CA CYS A 194 -12.49 -6.16 4.57
C CYS A 194 -12.93 -4.77 5.04
N SER A 195 -12.30 -3.69 4.53
CA SER A 195 -12.68 -2.34 4.87
C SER A 195 -14.12 -2.07 4.46
N ASP A 196 -14.52 -2.55 3.29
CA ASP A 196 -15.88 -2.32 2.82
C ASP A 196 -16.88 -3.12 3.63
N LYS A 197 -16.51 -4.34 4.03
CA LYS A 197 -17.42 -5.17 4.82
C LYS A 197 -17.62 -4.56 6.20
N ILE A 198 -16.54 -4.05 6.83
CA ILE A 198 -16.68 -3.42 8.12
C ILE A 198 -17.49 -2.13 8.00
N LEU A 199 -17.27 -1.34 6.96
CA LEU A 199 -18.13 -0.19 6.70
C LEU A 199 -19.60 -0.64 6.66
N LYS A 200 -19.87 -1.76 5.98
CA LYS A 200 -21.24 -2.28 5.91
C LYS A 200 -21.74 -2.63 7.31
N TRP A 201 -20.91 -3.28 8.12
CA TRP A 201 -21.32 -3.66 9.46
C TRP A 201 -21.69 -2.45 10.30
N ASN A 202 -21.05 -1.29 10.03
CA ASN A 202 -21.36 -0.05 10.74
C ASN A 202 -22.62 0.63 10.21
N VAL A 203 -23.27 0.05 9.20
CA VAL A 203 -24.56 0.55 8.75
C VAL A 203 -25.65 -0.45 9.11
N LEU A 204 -25.39 -1.74 8.94
CA LEU A 204 -26.41 -2.77 9.04
C LEU A 204 -26.26 -3.60 10.31
N GLY A 205 -25.19 -3.37 11.09
CA GLY A 205 -24.86 -4.26 12.19
C GLY A 205 -23.96 -5.42 11.75
N VAL A 206 -23.36 -6.12 12.72
CA VAL A 206 -22.42 -7.19 12.43
C VAL A 206 -23.17 -8.52 12.23
N GLN A 207 -24.49 -8.55 12.49
CA GLN A 207 -25.18 -9.83 12.71
C GLN A 207 -25.67 -10.50 11.42
N GLY A 208 -25.91 -9.74 10.36
CA GLY A 208 -26.36 -10.29 9.10
C GLY A 208 -27.88 -10.19 8.98
N ALA A 209 -28.37 -10.44 7.76
CA ALA A 209 -29.79 -10.45 7.45
C ALA A 209 -30.56 -11.43 8.35
N LEU A 210 -30.11 -12.68 8.39
CA LEU A 210 -30.86 -13.74 9.02
C LEU A 210 -31.10 -13.47 10.50
N LEU A 211 -30.02 -13.17 11.23
CA LEU A 211 -30.15 -12.90 12.66
C LEU A 211 -31.04 -11.69 12.94
N SER A 212 -31.10 -10.75 12.00
CA SER A 212 -31.92 -9.57 12.18
C SER A 212 -33.42 -9.92 12.17
N LEU A 213 -33.77 -11.16 11.81
CA LEU A 213 -35.15 -11.63 11.89
C LEU A 213 -35.58 -11.74 13.35
N PHE A 214 -34.60 -11.97 14.24
CA PHE A 214 -34.82 -12.34 15.64
C PHE A 214 -34.24 -11.32 16.62
N ILE A 215 -33.17 -10.58 16.24
CA ILE A 215 -32.53 -9.64 17.17
C ILE A 215 -32.41 -8.26 16.53
N GLU A 216 -32.27 -7.22 17.35
CA GLU A 216 -32.01 -5.90 16.82
C GLU A 216 -30.55 -5.84 16.37
N PRO A 217 -30.21 -5.01 15.37
CA PRO A 217 -28.84 -4.89 14.87
C PRO A 217 -27.84 -4.65 16.00
N ILE A 218 -26.76 -5.44 16.02
CA ILE A 218 -25.67 -5.22 16.97
C ILE A 218 -24.54 -4.46 16.27
N TYR A 219 -24.21 -3.29 16.82
CA TYR A 219 -23.22 -2.41 16.25
C TYR A 219 -21.97 -2.39 17.11
N LEU A 220 -20.80 -2.26 16.45
CA LEU A 220 -19.54 -2.20 17.15
C LEU A 220 -19.45 -0.92 17.96
N HIS A 221 -19.02 -1.07 19.22
CA HIS A 221 -18.78 0.09 20.04
C HIS A 221 -17.39 0.64 19.74
N GLY A 222 -16.42 -0.22 19.44
CA GLY A 222 -15.09 0.28 19.12
C GLY A 222 -14.33 -0.70 18.25
N ILE A 223 -13.29 -0.19 17.57
CA ILE A 223 -12.47 -1.02 16.70
C ILE A 223 -11.00 -0.73 17.03
N VAL A 224 -10.23 -1.78 17.33
CA VAL A 224 -8.85 -1.63 17.75
C VAL A 224 -7.98 -2.29 16.67
N VAL A 225 -7.03 -1.51 16.15
CA VAL A 225 -6.24 -1.88 14.99
C VAL A 225 -4.75 -1.70 15.30
N GLY A 226 -3.98 -2.74 14.99
CA GLY A 226 -2.54 -2.75 15.21
C GLY A 226 -1.73 -2.08 14.10
N LEU A 227 -1.03 -2.91 13.32
CA LEU A 227 -0.06 -2.44 12.31
C LEU A 227 -0.76 -1.54 11.29
N HIS A 228 0.00 -0.54 10.81
CA HIS A 228 -0.42 0.40 9.78
C HIS A 228 -1.63 1.24 10.16
N TYR A 229 -1.90 1.39 11.47
CA TYR A 229 -2.95 2.27 11.96
C TYR A 229 -2.70 3.72 11.55
N ASN A 230 -3.78 4.39 11.17
CA ASN A 230 -3.87 5.82 11.03
C ASN A 230 -5.33 6.19 11.26
N TYR A 231 -5.57 7.03 12.24
CA TYR A 231 -6.89 7.41 12.69
C TYR A 231 -7.73 7.89 11.50
N ASP A 232 -7.22 8.88 10.79
CA ASP A 232 -7.94 9.52 9.70
C ASP A 232 -8.27 8.52 8.58
N THR A 233 -7.33 7.62 8.25
CA THR A 233 -7.55 6.61 7.22
C THR A 233 -8.69 5.67 7.65
N LEU A 234 -8.62 5.15 8.87
CA LEU A 234 -9.61 4.20 9.37
C LEU A 234 -10.95 4.89 9.59
N LYS A 235 -10.94 6.17 10.00
CA LYS A 235 -12.19 6.90 10.14
C LYS A 235 -12.93 6.92 8.79
N ARG A 236 -12.23 7.30 7.72
CA ARG A 236 -12.82 7.34 6.40
C ARG A 236 -13.27 5.94 5.95
N ALA A 237 -12.37 4.97 6.11
CA ALA A 237 -12.56 3.67 5.50
C ALA A 237 -13.75 2.93 6.10
N LEU A 238 -13.86 3.01 7.42
CA LEU A 238 -14.73 2.13 8.18
C LEU A 238 -15.98 2.83 8.72
N ILE A 239 -16.05 4.17 8.72
CA ILE A 239 -17.06 4.90 9.44
C ILE A 239 -17.66 6.00 8.57
N LYS A 240 -16.86 7.03 8.25
CA LYS A 240 -17.35 8.23 7.60
C LYS A 240 -16.99 8.26 6.12
N ARG A 241 -17.30 7.21 5.35
CA ARG A 241 -16.87 7.19 3.95
C ARG A 241 -17.86 7.94 3.06
N ILE A 242 -19.17 7.69 3.25
CA ILE A 242 -20.18 8.27 2.40
C ILE A 242 -20.45 9.70 2.87
N ALA A 243 -20.46 9.89 4.20
CA ALA A 243 -20.69 11.21 4.79
C ALA A 243 -22.03 11.78 4.33
N LYS A 244 -23.02 10.90 4.24
CA LYS A 244 -24.34 11.23 3.73
C LYS A 244 -25.32 10.28 4.42
N MET A 245 -25.52 9.10 3.81
CA MET A 245 -26.46 8.11 4.31
C MET A 245 -27.60 8.85 4.99
N ASP A 246 -27.62 8.87 6.34
CA ASP A 246 -28.72 9.44 7.08
C ASP A 246 -30.02 8.87 6.48
N SER A 247 -31.09 9.66 6.41
CA SER A 247 -32.37 9.17 5.95
C SER A 247 -32.53 7.71 6.39
N PHE A 248 -32.21 7.41 7.65
CA PHE A 248 -32.14 6.04 8.14
C PHE A 248 -33.46 5.72 8.83
N SER A 249 -33.78 4.42 8.89
CA SER A 249 -34.95 3.94 9.61
C SER A 249 -34.49 3.08 10.78
N GLN A 250 -34.73 3.60 12.00
CA GLN A 250 -34.54 2.86 13.24
C GLN A 250 -35.07 1.44 13.06
N PRO A 251 -34.38 0.40 13.60
CA PRO A 251 -33.21 0.60 14.47
C PRO A 251 -31.86 0.65 13.74
N TYR A 252 -31.86 1.09 12.48
CA TYR A 252 -30.61 1.27 11.74
C TYR A 252 -30.16 2.74 11.83
N GLN A 253 -28.83 2.92 11.82
CA GLN A 253 -28.19 4.23 11.89
C GLN A 253 -26.75 4.12 11.39
N LEU A 254 -26.15 5.28 11.15
CA LEU A 254 -24.72 5.41 10.95
C LEU A 254 -24.05 5.27 12.32
N ASN A 255 -23.43 4.10 12.51
CA ASN A 255 -22.70 3.80 13.74
C ASN A 255 -21.37 4.55 13.73
N LEU A 256 -21.02 5.16 14.87
CA LEU A 256 -19.79 5.90 15.05
C LEU A 256 -18.95 5.23 16.15
N PRO A 257 -18.33 4.06 15.89
CA PRO A 257 -17.49 3.40 16.88
C PRO A 257 -16.24 4.26 17.11
N SER A 258 -15.66 4.14 18.29
CA SER A 258 -14.39 4.80 18.52
C SER A 258 -13.27 3.95 17.93
N LEU A 259 -12.14 4.57 17.63
CA LEU A 259 -11.03 3.88 17.02
C LEU A 259 -9.86 3.88 17.97
N GLY A 260 -9.14 2.78 18.01
CA GLY A 260 -8.03 2.66 18.93
C GLY A 260 -6.85 1.93 18.31
N HIS A 261 -5.70 2.08 18.98
CA HIS A 261 -4.49 1.41 18.55
C HIS A 261 -3.70 0.93 19.77
N PRO A 262 -3.37 -0.38 19.85
CA PRO A 262 -2.50 -0.85 20.92
C PRO A 262 -1.05 -0.40 20.71
N SER A 263 -0.27 -0.46 21.77
CA SER A 263 1.07 0.10 21.83
C SER A 263 2.10 -0.82 21.20
N LYS A 264 1.98 -2.14 21.40
CA LYS A 264 2.97 -3.11 20.93
C LYS A 264 2.29 -4.07 19.96
N ILE A 265 3.09 -4.73 19.11
CA ILE A 265 2.57 -5.62 18.08
C ILE A 265 3.55 -6.76 17.84
N ASP A 266 3.01 -7.90 17.37
CA ASP A 266 3.75 -9.15 17.34
C ASP A 266 4.87 -9.10 16.29
N ALA A 267 4.75 -8.19 15.32
CA ALA A 267 5.80 -7.79 14.39
C ALA A 267 5.35 -8.07 12.95
N VAL A 268 5.79 -7.24 12.00
CA VAL A 268 5.21 -7.19 10.66
C VAL A 268 5.36 -8.56 9.99
N ARG A 269 6.61 -8.99 9.75
CA ARG A 269 6.91 -10.31 9.24
C ARG A 269 6.30 -10.49 7.85
N ASP A 270 6.80 -9.70 6.88
CA ASP A 270 6.44 -9.88 5.48
C ASP A 270 7.42 -10.87 4.83
N THR A 271 8.04 -11.72 5.64
CA THR A 271 9.09 -12.63 5.19
C THR A 271 8.44 -13.64 4.25
N SER A 272 9.22 -14.16 3.28
CA SER A 272 8.75 -15.21 2.39
C SER A 272 7.30 -14.98 1.95
N LYS A 273 6.35 -15.77 2.48
CA LYS A 273 4.97 -15.72 2.02
C LYS A 273 4.03 -16.13 3.15
N SER A 274 2.74 -15.79 2.98
CA SER A 274 1.69 -16.08 3.93
C SER A 274 1.17 -17.52 3.77
N THR A 275 0.41 -17.99 4.76
CA THR A 275 -0.10 -19.35 4.78
C THR A 275 -1.46 -19.39 4.10
N SER A 276 -1.88 -20.60 3.71
CA SER A 276 -3.21 -20.82 3.18
C SER A 276 -4.17 -21.29 4.28
N ASN A 277 -3.62 -21.60 5.47
CA ASN A 277 -4.43 -21.98 6.61
C ASN A 277 -5.18 -20.76 7.17
N SER A 278 -6.44 -21.01 7.56
CA SER A 278 -7.27 -20.05 8.27
C SER A 278 -7.85 -20.75 9.49
N PHE A 279 -7.55 -20.23 10.69
CA PHE A 279 -8.02 -20.86 11.91
C PHE A 279 -9.23 -20.11 12.46
N ASN A 280 -10.14 -20.81 13.12
CA ASN A 280 -11.24 -20.14 13.80
C ASN A 280 -11.52 -20.80 15.16
N TRP A 281 -11.98 -19.97 16.09
CA TRP A 281 -12.57 -20.41 17.34
C TRP A 281 -13.66 -19.42 17.73
N TYR A 282 -14.68 -19.91 18.44
CA TYR A 282 -15.66 -19.03 19.04
C TYR A 282 -16.21 -19.70 20.30
N TYR A 283 -16.72 -18.84 21.19
CA TYR A 283 -17.11 -19.21 22.53
C TYR A 283 -18.04 -20.41 22.50
N GLY A 284 -17.71 -21.43 23.30
CA GLY A 284 -18.56 -22.61 23.40
C GLY A 284 -18.06 -23.77 22.54
N GLN A 285 -17.05 -23.53 21.69
CA GLN A 285 -16.35 -24.59 21.00
C GLN A 285 -15.16 -25.02 21.84
N ASN A 286 -14.91 -26.34 21.87
CA ASN A 286 -13.77 -26.91 22.58
C ASN A 286 -12.55 -26.97 21.66
N THR A 287 -12.72 -26.55 20.40
CA THR A 287 -11.77 -26.92 19.37
C THR A 287 -11.54 -25.73 18.44
N VAL A 288 -10.33 -25.68 17.88
CA VAL A 288 -9.95 -24.74 16.85
C VAL A 288 -10.11 -25.45 15.51
N GLU A 289 -10.89 -24.86 14.58
CA GLU A 289 -11.10 -25.47 13.28
C GLU A 289 -10.11 -24.85 12.30
N ALA A 290 -9.48 -25.71 11.49
CA ALA A 290 -8.45 -25.29 10.54
C ALA A 290 -9.00 -25.39 9.11
N VAL A 291 -9.01 -24.25 8.40
CA VAL A 291 -9.61 -24.18 7.07
C VAL A 291 -8.52 -23.92 6.06
N ASN A 292 -8.62 -24.60 4.90
CA ASN A 292 -7.81 -24.32 3.73
C ASN A 292 -8.50 -23.20 2.97
N SER A 293 -7.88 -22.01 2.97
CA SER A 293 -8.45 -20.79 2.40
C SER A 293 -8.65 -20.90 0.89
N ILE A 294 -7.86 -21.76 0.22
CA ILE A 294 -7.96 -21.96 -1.22
C ILE A 294 -9.20 -22.79 -1.52
N THR A 295 -9.59 -23.71 -0.63
CA THR A 295 -10.72 -24.60 -0.92
C THR A 295 -12.02 -24.07 -0.27
N GLY A 296 -11.91 -23.28 0.80
CA GLY A 296 -13.10 -22.86 1.53
C GLY A 296 -13.67 -23.93 2.45
N GLN A 297 -12.87 -24.97 2.76
CA GLN A 297 -13.31 -26.08 3.59
C GLN A 297 -12.20 -26.51 4.54
N THR A 298 -12.53 -27.40 5.49
CA THR A 298 -11.58 -27.86 6.48
C THR A 298 -10.44 -28.60 5.76
N VAL A 299 -9.34 -28.77 6.50
CA VAL A 299 -8.17 -29.45 5.98
C VAL A 299 -8.39 -30.96 5.87
N ILE A 300 -9.58 -31.47 6.23
CA ILE A 300 -9.93 -32.88 6.02
C ILE A 300 -11.08 -32.99 5.02
N GLN A 301 -11.24 -31.96 4.19
CA GLN A 301 -12.12 -31.91 3.03
C GLN A 301 -13.58 -31.90 3.48
N THR A 302 -13.86 -31.34 4.66
CA THR A 302 -15.24 -31.26 5.14
C THR A 302 -15.67 -29.80 5.19
N PRO A 303 -17.00 -29.52 5.19
CA PRO A 303 -17.49 -28.15 5.31
C PRO A 303 -17.23 -27.59 6.71
N SER A 304 -16.89 -26.30 6.75
CA SER A 304 -16.62 -25.60 7.99
C SER A 304 -17.90 -25.42 8.80
N ARG A 305 -17.74 -25.40 10.12
CA ARG A 305 -18.81 -25.00 11.02
C ARG A 305 -19.19 -23.54 10.79
N LEU A 306 -18.47 -22.81 9.91
CA LEU A 306 -18.82 -21.42 9.63
C LEU A 306 -19.46 -21.23 8.26
N CYS A 307 -19.65 -22.29 7.47
CA CYS A 307 -20.18 -22.13 6.11
C CYS A 307 -21.67 -21.77 6.15
N LYS A 308 -22.18 -21.26 5.03
CA LYS A 308 -23.57 -20.84 4.92
C LYS A 308 -24.52 -21.96 5.36
N LEU A 309 -24.19 -23.20 5.02
CA LEU A 309 -25.09 -24.32 5.28
C LEU A 309 -25.21 -24.55 6.79
N ALA A 310 -24.10 -24.29 7.51
CA ALA A 310 -24.07 -24.48 8.96
C ALA A 310 -24.95 -23.40 9.60
N PHE A 311 -24.95 -22.19 9.03
CA PHE A 311 -25.83 -21.13 9.50
C PHE A 311 -27.29 -21.49 9.24
N PHE A 312 -27.54 -22.11 8.09
CA PHE A 312 -28.91 -22.39 7.68
C PHE A 312 -29.52 -23.46 8.58
N ASP A 313 -28.71 -24.47 8.96
CA ASP A 313 -29.09 -25.41 10.00
C ASP A 313 -29.46 -24.68 11.28
N LYS A 314 -28.62 -23.73 11.72
CA LYS A 314 -28.87 -23.00 12.96
C LYS A 314 -30.18 -22.23 12.87
N LEU A 315 -30.44 -21.61 11.72
CA LEU A 315 -31.66 -20.85 11.46
C LEU A 315 -32.91 -21.72 11.68
N ARG A 316 -32.91 -22.95 11.17
CA ARG A 316 -34.08 -23.79 11.33
C ARG A 316 -34.22 -24.30 12.76
N LEU A 317 -33.10 -24.70 13.39
CA LEU A 317 -33.06 -24.90 14.83
C LEU A 317 -33.82 -23.74 15.48
N VAL A 318 -33.38 -22.50 15.24
CA VAL A 318 -34.02 -21.32 15.81
C VAL A 318 -35.51 -21.29 15.44
N ILE A 319 -35.85 -21.55 14.18
CA ILE A 319 -37.23 -21.45 13.73
C ILE A 319 -38.11 -22.40 14.54
N SER A 320 -37.65 -23.64 14.75
CA SER A 320 -38.43 -24.62 15.48
C SER A 320 -38.65 -24.22 16.93
N LEU A 321 -37.74 -23.43 17.52
CA LEU A 321 -37.88 -23.00 18.90
C LEU A 321 -38.70 -21.71 18.96
N SER A 322 -38.87 -21.01 17.82
CA SER A 322 -39.68 -19.82 17.78
C SER A 322 -41.15 -20.19 17.69
N SER A 323 -42.03 -19.25 18.03
CA SER A 323 -43.46 -19.49 17.95
C SER A 323 -44.02 -18.95 16.63
N ASN A 324 -43.16 -18.30 15.82
CA ASN A 324 -43.58 -17.82 14.51
C ASN A 324 -43.38 -18.91 13.46
N ARG A 325 -44.06 -18.73 12.33
CA ARG A 325 -43.85 -19.57 11.17
C ARG A 325 -43.07 -18.75 10.13
N PHE A 326 -42.27 -19.46 9.33
CA PHE A 326 -41.45 -18.84 8.31
C PHE A 326 -41.57 -19.59 6.99
N ALA A 327 -41.97 -18.87 5.93
CA ALA A 327 -42.17 -19.46 4.61
C ALA A 327 -41.12 -18.90 3.65
N PHE A 328 -40.24 -19.79 3.20
CA PHE A 328 -39.18 -19.47 2.26
C PHE A 328 -38.77 -20.77 1.59
N GLN A 329 -38.39 -20.73 0.30
CA GLN A 329 -37.88 -21.94 -0.32
C GLN A 329 -36.40 -22.12 0.01
N THR A 330 -35.59 -21.05 -0.14
CA THR A 330 -34.13 -21.16 -0.06
C THR A 330 -33.53 -20.19 0.97
N TYR A 331 -32.27 -20.48 1.32
CA TYR A 331 -31.38 -19.59 2.05
C TYR A 331 -31.59 -18.17 1.53
N HIS A 332 -31.50 -17.99 0.21
CA HIS A 332 -31.66 -16.68 -0.40
C HIS A 332 -32.98 -16.05 0.07
N ASP A 333 -34.07 -16.82 -0.02
CA ASP A 333 -35.41 -16.33 0.29
C ASP A 333 -35.51 -15.99 1.77
N ALA A 334 -34.94 -16.85 2.63
CA ALA A 334 -34.87 -16.56 4.05
C ALA A 334 -34.21 -15.19 4.29
N LYS A 335 -33.07 -14.92 3.65
CA LYS A 335 -32.42 -13.64 3.86
C LYS A 335 -33.35 -12.51 3.43
N MET A 336 -34.15 -12.72 2.37
CA MET A 336 -34.98 -11.64 1.88
C MET A 336 -36.15 -11.37 2.85
N LEU A 337 -36.38 -12.25 3.84
CA LEU A 337 -37.42 -12.00 4.85
C LEU A 337 -37.04 -10.79 5.72
N ALA A 338 -35.74 -10.52 5.87
CA ALA A 338 -35.30 -9.43 6.71
C ALA A 338 -35.44 -8.11 5.96
N LYS A 339 -36.67 -7.62 5.89
CA LYS A 339 -37.04 -6.52 5.00
C LYS A 339 -36.36 -5.21 5.41
N GLU A 340 -36.24 -4.96 6.72
CA GLU A 340 -35.62 -3.74 7.21
C GLU A 340 -34.13 -3.74 6.84
N TYR A 341 -33.48 -4.89 6.99
CA TYR A 341 -32.04 -5.02 6.75
C TYR A 341 -31.78 -4.86 5.25
N GLN A 342 -32.55 -5.58 4.43
CA GLN A 342 -32.37 -5.55 2.98
C GLN A 342 -32.62 -4.16 2.44
N SER A 343 -33.62 -3.42 2.95
CA SER A 343 -33.88 -2.10 2.39
C SER A 343 -32.81 -1.10 2.84
N THR A 344 -32.30 -1.22 4.08
CA THR A 344 -31.17 -0.39 4.49
C THR A 344 -29.93 -0.74 3.65
N LYS A 345 -29.74 -2.02 3.34
CA LYS A 345 -28.61 -2.46 2.52
C LYS A 345 -28.69 -1.78 1.15
N GLU A 346 -29.89 -1.74 0.56
CA GLU A 346 -30.05 -1.18 -0.76
C GLU A 346 -29.77 0.33 -0.73
N TYR A 347 -30.28 1.04 0.28
CA TYR A 347 -29.98 2.45 0.44
C TYR A 347 -28.47 2.68 0.62
N PHE A 348 -27.80 1.79 1.34
CA PHE A 348 -26.36 1.91 1.58
C PHE A 348 -25.60 1.83 0.25
N PHE A 349 -25.90 0.78 -0.52
CA PHE A 349 -25.27 0.57 -1.83
C PHE A 349 -25.47 1.78 -2.74
N LYS A 350 -26.68 2.35 -2.74
CA LYS A 350 -27.00 3.49 -3.58
C LYS A 350 -26.22 4.71 -3.10
N ALA A 351 -26.15 4.90 -1.77
CA ALA A 351 -25.42 6.03 -1.22
C ALA A 351 -23.96 5.96 -1.67
N LEU A 352 -23.39 4.75 -1.71
CA LEU A 352 -22.00 4.53 -2.12
C LEU A 352 -21.83 4.90 -3.61
N SER A 353 -22.74 4.40 -4.44
CA SER A 353 -22.69 4.70 -5.87
C SER A 353 -22.86 6.19 -6.11
N GLU A 354 -23.84 6.82 -5.46
CA GLU A 354 -24.08 8.25 -5.64
C GLU A 354 -22.85 9.08 -5.25
N SER A 355 -22.16 8.68 -4.18
CA SER A 355 -20.99 9.42 -3.70
C SER A 355 -19.73 9.07 -4.49
N LEU A 356 -19.87 8.22 -5.52
CA LEU A 356 -18.78 7.90 -6.44
C LEU A 356 -17.74 7.01 -5.73
N CYS A 357 -18.18 6.18 -4.78
CA CYS A 357 -17.32 5.16 -4.22
C CYS A 357 -17.33 3.87 -5.04
N GLY A 358 -18.17 3.79 -6.06
CA GLY A 358 -18.26 2.57 -6.87
C GLY A 358 -19.53 1.78 -6.58
N LYS A 359 -19.69 0.70 -7.34
CA LYS A 359 -20.83 -0.18 -7.16
C LYS A 359 -20.35 -1.47 -6.48
N TRP A 360 -21.03 -1.79 -5.39
CA TRP A 360 -20.83 -3.02 -4.65
C TRP A 360 -20.97 -4.22 -5.60
N ILE A 361 -20.06 -5.19 -5.44
CA ILE A 361 -20.16 -6.45 -6.18
C ILE A 361 -20.58 -7.56 -5.23
N GLY A 362 -21.83 -7.98 -5.40
CA GLY A 362 -22.39 -9.08 -4.64
C GLY A 362 -22.52 -10.32 -5.50
N LYS A 363 -22.29 -11.48 -4.90
CA LYS A 363 -22.34 -12.75 -5.60
C LYS A 363 -23.71 -12.86 -6.30
N PRO A 364 -23.83 -13.72 -7.34
CA PRO A 364 -25.14 -13.95 -7.95
C PRO A 364 -26.02 -14.82 -7.05
N TYR A 365 -27.34 -14.56 -7.12
CA TYR A 365 -28.31 -15.12 -6.18
C TYR A 365 -28.27 -16.65 -6.16
N GLU A 366 -27.73 -17.29 -7.22
CA GLU A 366 -27.83 -18.73 -7.38
C GLU A 366 -26.91 -19.44 -6.39
N HIS A 367 -25.88 -18.73 -5.90
CA HIS A 367 -25.02 -19.25 -4.84
C HIS A 367 -25.80 -19.47 -3.54
N ASP A 368 -26.85 -18.66 -3.32
CA ASP A 368 -27.67 -18.74 -2.13
C ASP A 368 -29.00 -19.44 -2.39
N MET A 369 -29.23 -19.93 -3.61
CA MET A 369 -30.48 -20.64 -3.91
C MET A 369 -30.26 -22.13 -3.69
N PHE A 370 -30.10 -22.50 -2.42
CA PHE A 370 -30.06 -23.88 -2.00
C PHE A 370 -31.04 -24.03 -0.85
N GLY A 371 -31.39 -25.28 -0.53
CA GLY A 371 -32.32 -25.60 0.55
C GLY A 371 -31.82 -26.81 1.33
N TYR A 372 -32.72 -27.47 2.08
CA TYR A 372 -32.37 -28.68 2.81
C TYR A 372 -33.60 -29.22 3.56
N ASP B 3 14.21 -14.88 -7.47
CA ASP B 3 14.86 -15.76 -6.45
C ASP B 3 13.85 -16.13 -5.37
N GLU B 4 13.87 -15.38 -4.27
CA GLU B 4 12.83 -15.38 -3.25
C GLU B 4 12.14 -14.03 -3.35
N PRO B 5 11.57 -13.67 -4.53
CA PRO B 5 11.14 -12.31 -4.80
C PRO B 5 9.64 -12.28 -4.56
N LYS B 6 8.87 -11.80 -5.55
CA LYS B 6 7.50 -11.36 -5.32
C LYS B 6 7.53 -10.32 -4.21
N ASN B 7 8.60 -9.53 -4.21
CA ASN B 7 8.74 -8.38 -3.36
C ASN B 7 7.94 -7.28 -4.03
N GLU B 8 6.60 -7.43 -3.98
CA GLU B 8 5.67 -6.51 -4.64
C GLU B 8 4.98 -5.67 -3.57
N ILE B 9 5.08 -4.34 -3.72
CA ILE B 9 4.33 -3.40 -2.91
C ILE B 9 2.84 -3.65 -3.11
N SER B 10 2.04 -3.57 -2.03
CA SER B 10 0.59 -3.78 -2.15
C SER B 10 -0.01 -2.71 -3.04
N ALA B 11 -1.17 -3.02 -3.64
CA ALA B 11 -1.89 -2.04 -4.41
C ALA B 11 -2.27 -0.83 -3.56
N GLU B 12 -2.64 -1.07 -2.31
CA GLU B 12 -3.10 0.03 -1.46
C GLU B 12 -1.95 1.01 -1.24
N PHE B 13 -0.74 0.51 -1.01
CA PHE B 13 0.40 1.38 -0.74
C PHE B 13 0.87 2.06 -2.02
N SER B 14 0.85 1.36 -3.15
CA SER B 14 1.21 1.99 -4.42
C SER B 14 0.23 3.12 -4.75
N ASP B 15 -1.06 2.91 -4.46
CA ASP B 15 -2.06 3.96 -4.67
C ASP B 15 -1.85 5.10 -3.69
N SER B 16 -1.41 4.79 -2.46
CA SER B 16 -1.03 5.84 -1.54
C SER B 16 0.07 6.72 -2.16
N ILE B 17 1.12 6.09 -2.71
CA ILE B 17 2.25 6.84 -3.29
C ILE B 17 1.73 7.66 -4.47
N ALA B 18 0.95 7.01 -5.36
CA ALA B 18 0.48 7.67 -6.57
C ALA B 18 -0.42 8.84 -6.21
N ASP B 19 -1.27 8.66 -5.20
CA ASP B 19 -2.19 9.71 -4.77
C ASP B 19 -1.41 10.93 -4.27
N ALA B 20 -0.36 10.72 -3.48
CA ALA B 20 0.41 11.83 -2.95
C ALA B 20 1.07 12.62 -4.09
N VAL B 21 1.60 11.90 -5.09
CA VAL B 21 2.23 12.55 -6.23
C VAL B 21 1.17 13.34 -7.00
N GLN B 22 -0.01 12.75 -7.21
CA GLN B 22 -1.10 13.43 -7.90
C GLN B 22 -1.48 14.72 -7.16
N ASN B 23 -1.62 14.68 -5.84
CA ASN B 23 -2.01 15.87 -5.09
C ASN B 23 -0.95 17.00 -5.22
N ARG B 24 0.33 16.65 -5.14
CA ARG B 24 1.39 17.64 -5.21
C ARG B 24 1.43 18.25 -6.61
N PHE B 25 1.30 17.39 -7.64
CA PHE B 25 1.29 17.85 -9.02
C PHE B 25 0.20 18.90 -9.23
N ALA B 26 -1.02 18.63 -8.77
CA ALA B 26 -2.15 19.55 -8.94
C ALA B 26 -1.92 20.86 -8.17
N ALA B 27 -1.21 20.80 -7.04
CA ALA B 27 -0.94 21.99 -6.25
C ALA B 27 0.09 22.87 -6.94
N LEU B 28 0.94 22.27 -7.77
CA LEU B 28 1.93 22.99 -8.56
C LEU B 28 1.36 23.36 -9.92
N LEU B 29 0.42 22.53 -10.43
CA LEU B 29 -0.28 22.76 -11.68
C LEU B 29 0.71 22.75 -12.84
N ASN B 33 -2.71 21.23 -19.51
CA ASN B 33 -1.62 20.68 -18.68
C ASN B 33 -1.32 19.25 -19.13
N GLN B 34 -0.50 19.09 -20.18
CA GLN B 34 -0.46 17.86 -20.95
C GLN B 34 0.96 17.28 -21.03
N SER B 35 1.61 17.13 -19.88
CA SER B 35 2.86 16.39 -19.83
C SER B 35 2.54 14.89 -19.85
N LYS B 36 3.43 14.09 -20.41
CA LYS B 36 3.16 12.68 -20.69
C LYS B 36 3.87 11.78 -19.69
N VAL B 37 5.11 12.12 -19.31
CA VAL B 37 5.84 11.37 -18.31
C VAL B 37 5.92 12.23 -17.04
N ILE B 38 5.47 11.66 -15.93
CA ILE B 38 5.51 12.29 -14.63
C ILE B 38 6.25 11.34 -13.69
N ALA B 39 7.29 11.86 -13.03
CA ALA B 39 8.04 11.08 -12.04
C ALA B 39 8.23 11.91 -10.78
N ALA B 40 8.50 11.23 -9.68
CA ALA B 40 8.69 11.91 -8.42
C ALA B 40 9.52 11.06 -7.50
N PHE B 41 10.21 11.73 -6.59
CA PHE B 41 10.77 11.08 -5.44
C PHE B 41 9.92 11.36 -4.19
N VAL B 42 9.62 10.30 -3.44
CA VAL B 42 8.71 10.37 -2.30
C VAL B 42 9.40 9.80 -1.06
N LEU B 43 9.42 10.62 0.01
CA LEU B 43 9.85 10.14 1.32
C LEU B 43 8.68 9.47 2.04
N CYS B 44 8.97 8.29 2.56
CA CYS B 44 8.12 7.60 3.49
C CYS B 44 8.73 7.62 4.89
N ILE B 45 8.13 8.43 5.79
CA ILE B 45 8.68 8.80 7.08
C ILE B 45 7.90 8.13 8.22
N TYR B 46 8.54 7.18 8.91
CA TYR B 46 7.89 6.48 10.00
C TYR B 46 8.17 7.22 11.31
N GLU B 47 7.13 7.40 12.13
CA GLU B 47 7.23 7.94 13.48
C GLU B 47 7.47 6.79 14.45
N GLY B 48 6.60 5.78 14.40
CA GLY B 48 6.96 4.44 14.82
C GLY B 48 6.68 3.46 13.68
N GLU B 49 7.12 2.22 13.85
CA GLU B 49 7.01 1.18 12.83
C GLU B 49 5.71 0.39 13.05
N ASP B 50 4.82 0.92 13.91
CA ASP B 50 3.52 0.33 14.21
C ASP B 50 2.37 1.13 13.57
N VAL B 51 2.61 2.39 13.21
CA VAL B 51 1.60 3.26 12.62
C VAL B 51 1.99 3.54 11.17
N ALA B 52 1.01 3.90 10.35
CA ALA B 52 1.23 4.25 8.96
C ALA B 52 2.26 5.37 8.85
N PRO B 53 3.09 5.38 7.80
CA PRO B 53 4.08 6.44 7.63
C PRO B 53 3.44 7.70 7.06
N LYS B 54 4.13 8.84 7.23
CA LYS B 54 3.87 10.04 6.46
C LYS B 54 4.60 9.97 5.11
N LEU B 55 3.87 10.30 4.05
CA LEU B 55 4.38 10.44 2.71
C LEU B 55 4.63 11.91 2.44
N LYS B 56 5.81 12.21 1.88
CA LYS B 56 6.20 13.57 1.56
C LYS B 56 6.89 13.57 0.20
N VAL B 57 6.25 14.23 -0.77
CA VAL B 57 6.72 14.33 -2.13
C VAL B 57 7.85 15.36 -2.17
N ILE B 58 9.05 14.91 -2.53
CA ILE B 58 10.25 15.75 -2.43
C ILE B 58 10.59 16.37 -3.79
N SER B 59 10.38 15.61 -4.88
CA SER B 59 10.70 16.15 -6.20
C SER B 59 9.74 15.60 -7.25
N ILE B 60 9.51 16.43 -8.27
CA ILE B 60 8.74 16.10 -9.45
C ILE B 60 9.53 16.49 -10.69
N GLY B 61 9.46 15.62 -11.70
CA GLY B 61 9.96 15.91 -13.02
C GLY B 61 9.01 15.38 -14.11
N THR B 62 8.93 16.13 -15.21
CA THR B 62 8.28 15.69 -16.42
C THR B 62 9.26 15.80 -17.58
N GLY B 63 8.87 15.27 -18.72
CA GLY B 63 9.69 15.33 -19.92
C GLY B 63 9.85 13.95 -20.57
N THR B 64 10.01 13.96 -21.90
CA THR B 64 10.20 12.75 -22.70
C THR B 64 11.32 12.93 -23.73
N LYS B 65 12.14 13.98 -23.60
CA LYS B 65 13.13 14.27 -24.62
C LYS B 65 14.48 14.59 -24.01
N CYS B 66 15.51 14.57 -24.86
CA CYS B 66 16.85 15.01 -24.50
C CYS B 66 17.48 15.75 -25.67
N ILE B 67 18.67 16.31 -25.45
CA ILE B 67 19.33 17.14 -26.46
C ILE B 67 20.04 16.25 -27.47
N SER B 68 20.10 16.72 -28.73
CA SER B 68 20.70 15.95 -29.81
C SER B 68 22.20 15.80 -29.62
N GLY B 69 22.85 16.85 -29.07
CA GLY B 69 24.29 16.85 -28.87
C GLY B 69 24.96 18.04 -29.57
N GLU B 70 24.26 18.58 -30.57
CA GLU B 70 24.63 19.82 -31.25
C GLU B 70 24.24 21.01 -30.36
N GLN B 71 23.84 20.73 -29.11
CA GLN B 71 23.39 21.75 -28.19
C GLN B 71 24.17 21.69 -26.88
N ILE B 72 24.95 20.62 -26.64
CA ILE B 72 25.87 20.58 -25.52
C ILE B 72 26.78 21.81 -25.64
N GLY B 73 26.81 22.62 -24.57
CA GLY B 73 27.50 23.90 -24.63
C GLY B 73 28.67 23.95 -23.65
N GLN B 74 29.04 22.79 -23.11
CA GLN B 74 30.00 22.72 -22.03
C GLN B 74 29.62 23.79 -21.00
N LYS B 75 30.59 24.17 -20.15
CA LYS B 75 30.30 25.11 -19.08
C LYS B 75 29.31 24.52 -18.06
N GLY B 76 28.69 23.37 -18.39
CA GLY B 76 27.81 22.70 -17.46
C GLY B 76 26.48 23.44 -17.27
N GLU B 77 26.07 24.20 -18.28
CA GLU B 77 24.85 25.01 -18.21
C GLU B 77 23.72 24.42 -19.05
N THR B 78 23.88 23.18 -19.53
CA THR B 78 22.92 22.57 -20.43
C THR B 78 22.50 21.21 -19.88
N LEU B 79 21.19 20.95 -19.83
CA LEU B 79 20.69 19.67 -19.37
C LEU B 79 20.79 18.64 -20.48
N ASN B 80 21.47 17.54 -20.20
CA ASN B 80 21.64 16.47 -21.18
C ASN B 80 20.37 15.63 -21.34
N ASP B 81 19.63 15.40 -20.26
CA ASP B 81 18.53 14.42 -20.29
C ASP B 81 17.34 14.99 -19.53
N CYS B 82 16.24 15.21 -20.24
CA CYS B 82 15.03 15.76 -19.63
C CYS B 82 13.89 14.74 -19.58
N HIS B 83 14.17 13.44 -19.56
CA HIS B 83 13.13 12.47 -19.20
C HIS B 83 12.71 12.71 -17.76
N GLY B 84 11.38 12.73 -17.51
CA GLY B 84 10.89 13.08 -16.18
C GLY B 84 11.55 12.32 -15.04
N GLU B 85 11.84 11.02 -15.20
CA GLU B 85 12.47 10.26 -14.12
C GLU B 85 13.84 10.83 -13.70
N ILE B 86 14.64 11.20 -14.69
CA ILE B 86 16.00 11.74 -14.50
C ILE B 86 15.90 13.15 -13.91
N ILE B 87 14.93 13.93 -14.38
CA ILE B 87 14.72 15.29 -13.89
C ILE B 87 14.31 15.22 -12.42
N ALA B 88 13.41 14.28 -12.06
CA ALA B 88 13.01 14.11 -10.67
C ALA B 88 14.21 13.78 -9.77
N CYS B 89 15.13 12.93 -10.24
CA CYS B 89 16.31 12.56 -9.47
C CYS B 89 17.24 13.77 -9.22
N ARG B 90 17.41 14.59 -10.26
CA ARG B 90 18.25 15.76 -10.13
C ARG B 90 17.69 16.68 -9.06
N GLY B 91 16.39 16.97 -9.12
CA GLY B 91 15.73 17.76 -8.09
C GLY B 91 15.90 17.17 -6.70
N PHE B 92 15.76 15.85 -6.59
CA PHE B 92 15.99 15.19 -5.32
C PHE B 92 17.45 15.40 -4.88
N ARG B 93 18.40 15.45 -5.82
CA ARG B 93 19.80 15.71 -5.48
C ARG B 93 19.95 17.12 -4.89
N GLN B 94 19.31 18.12 -5.50
CA GLN B 94 19.36 19.48 -5.00
C GLN B 94 18.81 19.51 -3.57
N PHE B 95 17.71 18.80 -3.34
CA PHE B 95 17.14 18.66 -2.01
C PHE B 95 18.17 18.08 -1.04
N LEU B 96 18.81 16.99 -1.43
CA LEU B 96 19.85 16.40 -0.60
C LEU B 96 20.89 17.47 -0.23
N TYR B 97 21.31 18.29 -1.20
CA TYR B 97 22.30 19.33 -0.96
C TYR B 97 21.80 20.31 0.10
N ASP B 98 20.58 20.84 -0.10
CA ASP B 98 19.97 21.78 0.82
C ASP B 98 19.90 21.19 2.23
N GLU B 99 19.54 19.90 2.31
CA GLU B 99 19.44 19.22 3.60
C GLU B 99 20.82 19.10 4.23
N LEU B 100 21.82 18.80 3.39
CA LEU B 100 23.19 18.65 3.84
C LEU B 100 23.72 19.98 4.42
N VAL B 101 23.33 21.10 3.80
CA VAL B 101 23.68 22.41 4.32
C VAL B 101 23.12 22.55 5.74
N LYS B 102 21.80 22.39 5.87
CA LYS B 102 21.11 22.47 7.15
C LYS B 102 21.84 21.63 8.21
N SER B 103 22.21 20.40 7.84
CA SER B 103 22.87 19.49 8.77
C SER B 103 24.22 20.06 9.20
N LEU B 104 24.87 20.81 8.31
CA LEU B 104 26.20 21.37 8.58
C LEU B 104 26.07 22.63 9.41
N GLN B 105 24.99 23.41 9.19
CA GLN B 105 24.56 24.48 10.06
C GLN B 105 23.85 23.91 11.29
N LYS B 106 24.09 22.62 11.58
CA LYS B 106 23.61 21.90 12.75
C LYS B 106 22.16 22.21 13.10
N LYS B 107 21.31 22.47 12.09
CA LYS B 107 19.89 22.59 12.34
C LYS B 107 19.38 21.21 12.75
N THR B 108 18.18 21.21 13.35
CA THR B 108 17.62 20.01 13.94
C THR B 108 16.70 19.27 12.95
N ASP B 109 15.89 20.04 12.21
CA ASP B 109 14.86 19.47 11.34
C ASP B 109 15.52 19.06 10.03
N VAL B 110 16.15 17.88 10.03
CA VAL B 110 16.89 17.40 8.87
C VAL B 110 16.73 15.89 8.72
N ILE B 111 16.96 15.38 7.51
CA ILE B 111 16.79 13.98 7.20
C ILE B 111 18.03 13.17 7.59
N PHE B 112 19.14 13.89 7.88
CA PHE B 112 20.42 13.25 8.07
C PHE B 112 20.75 13.23 9.56
N LYS B 113 21.60 12.26 9.93
CA LYS B 113 22.28 12.22 11.21
C LYS B 113 23.77 11.99 10.90
N SER B 114 24.62 12.16 11.91
CA SER B 114 26.06 11.99 11.71
C SER B 114 26.41 10.52 11.84
N LYS B 115 27.43 10.08 11.09
CA LYS B 115 27.87 8.69 11.11
C LYS B 115 29.21 8.57 11.84
N GLY B 116 29.90 9.70 12.04
CA GLY B 116 31.12 9.73 12.83
C GLY B 116 32.38 9.56 11.96
N ASN B 117 32.21 9.03 10.74
CA ASN B 117 33.31 8.92 9.80
C ASN B 117 33.47 10.22 9.02
N GLY B 118 32.79 11.28 9.47
CA GLY B 118 32.75 12.57 8.78
C GLY B 118 31.59 12.69 7.80
N LYS B 119 30.92 11.56 7.50
CA LYS B 119 29.92 11.49 6.44
C LYS B 119 28.53 11.29 7.06
N PHE B 120 27.54 12.03 6.56
CA PHE B 120 26.17 11.92 7.06
C PHE B 120 25.53 10.62 6.55
N VAL B 121 24.51 10.15 7.27
CA VAL B 121 23.74 8.99 6.88
C VAL B 121 22.26 9.32 7.02
N LEU B 122 21.44 8.82 6.09
CA LEU B 122 20.01 9.10 6.08
C LEU B 122 19.41 8.40 7.28
N LYS B 123 18.54 9.09 8.02
CA LYS B 123 17.94 8.52 9.21
C LYS B 123 17.23 7.23 8.83
N PRO B 124 17.31 6.15 9.65
CA PRO B 124 16.76 4.86 9.24
C PRO B 124 15.25 4.74 9.24
N ASN B 125 14.52 5.77 9.70
CA ASN B 125 13.07 5.80 9.70
C ASN B 125 12.53 6.48 8.43
N ILE B 126 13.45 6.91 7.54
CA ILE B 126 13.11 7.53 6.27
C ILE B 126 13.44 6.57 5.12
N LYS B 127 12.45 6.32 4.25
CA LYS B 127 12.61 5.42 3.12
C LYS B 127 12.31 6.22 1.85
N VAL B 128 13.05 5.96 0.77
CA VAL B 128 12.85 6.71 -0.47
C VAL B 128 12.14 5.84 -1.50
N TYR B 129 11.08 6.37 -2.12
CA TYR B 129 10.39 5.69 -3.21
C TYR B 129 10.49 6.56 -4.45
N LEU B 130 10.70 5.87 -5.58
CA LEU B 130 10.54 6.44 -6.91
C LEU B 130 9.18 6.06 -7.47
N TYR B 131 8.45 7.07 -7.96
CA TYR B 131 7.21 6.87 -8.71
C TYR B 131 7.44 7.33 -10.16
N ILE B 132 6.95 6.54 -11.12
CA ILE B 132 6.85 6.97 -12.51
C ILE B 132 5.49 6.54 -13.02
N ASN B 133 4.83 7.42 -13.77
CA ASN B 133 3.48 7.10 -14.25
C ASN B 133 3.52 6.16 -15.44
N THR B 134 4.73 5.83 -15.93
CA THR B 134 4.92 4.93 -17.05
C THR B 134 6.22 4.18 -16.86
N ALA B 135 6.30 2.95 -17.38
CA ALA B 135 7.53 2.17 -17.30
C ALA B 135 8.68 2.94 -17.92
N PRO B 136 9.88 2.91 -17.32
CA PRO B 136 10.98 3.72 -17.82
C PRO B 136 11.47 3.24 -19.19
N CYS B 137 11.84 4.18 -20.06
CA CYS B 137 12.36 3.80 -21.36
C CYS B 137 13.55 2.84 -21.21
N GLY B 138 13.79 2.05 -22.27
CA GLY B 138 14.83 1.02 -22.26
C GLY B 138 14.27 -0.35 -21.88
N ASP B 139 15.10 -1.15 -21.17
CA ASP B 139 14.82 -2.56 -20.94
C ASP B 139 13.51 -2.80 -20.19
N GLY B 140 13.06 -1.80 -19.44
CA GLY B 140 11.84 -1.87 -18.64
C GLY B 140 10.54 -1.82 -19.45
N ARG B 141 10.66 -1.61 -20.77
CA ARG B 141 9.54 -1.65 -21.70
C ARG B 141 9.72 -2.83 -22.66
N VAL B 142 10.68 -3.73 -22.38
CA VAL B 142 10.88 -4.90 -23.20
C VAL B 142 10.26 -6.10 -22.49
N PHE B 143 9.23 -6.68 -23.12
CA PHE B 143 8.48 -7.81 -22.58
C PHE B 143 8.96 -9.08 -23.26
N SER B 144 9.65 -9.93 -22.50
CA SER B 144 10.22 -11.15 -23.03
C SER B 144 10.14 -12.26 -22.00
N LEU B 145 9.62 -13.43 -22.39
CA LEU B 145 9.84 -14.65 -21.62
C LEU B 145 11.34 -14.89 -21.59
N HIS B 146 11.87 -15.10 -20.38
CA HIS B 146 13.31 -15.12 -20.15
C HIS B 146 13.61 -15.67 -18.75
N LYS B 154 16.94 -12.14 -27.33
CA LYS B 154 18.08 -11.43 -27.96
C LYS B 154 18.31 -10.09 -27.28
N THR B 155 17.36 -9.14 -27.41
CA THR B 155 17.61 -7.76 -27.01
C THR B 155 17.23 -7.56 -25.54
N ALA B 156 16.47 -8.47 -24.95
CA ALA B 156 16.03 -8.33 -23.57
C ALA B 156 17.24 -8.35 -22.65
N GLY B 157 17.34 -7.34 -21.78
CA GLY B 157 18.43 -7.26 -20.83
C GLY B 157 19.55 -6.32 -21.29
N MET B 158 19.51 -5.88 -22.55
CA MET B 158 20.62 -5.08 -23.09
C MET B 158 20.52 -3.64 -22.59
N LEU B 159 21.69 -3.02 -22.43
CA LEU B 159 21.77 -1.58 -22.28
C LEU B 159 21.23 -0.93 -23.55
N ARG B 160 20.46 0.17 -23.40
CA ARG B 160 19.94 0.91 -24.53
C ARG B 160 20.25 2.41 -24.41
N THR B 161 20.33 3.10 -25.54
CA THR B 161 20.53 4.54 -25.61
C THR B 161 19.25 5.19 -26.15
N LYS B 162 18.97 6.41 -25.72
CA LYS B 162 17.77 7.11 -26.17
C LYS B 162 17.98 7.60 -27.61
N ILE B 163 16.90 7.60 -28.40
CA ILE B 163 16.91 7.99 -29.81
C ILE B 163 16.54 9.47 -29.91
N GLU B 164 17.08 10.15 -30.93
CA GLU B 164 16.72 11.52 -31.28
C GLU B 164 16.70 12.37 -30.01
N ASN B 165 15.50 12.49 -29.41
CA ASN B 165 15.32 13.18 -28.15
C ASN B 165 14.51 12.26 -27.25
N GLY B 166 15.12 11.15 -26.81
CA GLY B 166 14.47 10.25 -25.88
C GLY B 166 13.39 9.36 -26.52
N GLN B 167 12.81 9.80 -27.65
CA GLN B 167 11.71 9.11 -28.30
C GLN B 167 12.18 7.75 -28.85
N GLY B 168 12.07 6.71 -28.02
CA GLY B 168 12.56 5.37 -28.34
C GLY B 168 13.99 5.14 -27.82
N THR B 169 14.28 3.86 -27.57
CA THR B 169 15.64 3.45 -27.21
C THR B 169 16.06 2.26 -28.08
N ILE B 170 17.36 2.16 -28.35
CA ILE B 170 17.91 1.08 -29.15
C ILE B 170 19.16 0.54 -28.44
N PRO B 171 19.43 -0.78 -28.54
CA PRO B 171 20.61 -1.39 -27.95
C PRO B 171 21.86 -0.59 -28.25
N VAL B 172 22.76 -0.54 -27.27
CA VAL B 172 24.10 0.00 -27.45
C VAL B 172 24.81 -0.76 -28.57
N PRO B 173 25.64 -0.07 -29.38
CA PRO B 173 26.30 -0.69 -30.53
C PRO B 173 27.39 -1.67 -30.12
N GLU B 174 27.81 -2.51 -31.08
CA GLU B 174 28.97 -3.37 -30.97
C GLU B 174 28.62 -4.67 -30.21
N GLY B 186 32.18 6.24 -30.07
CA GLY B 186 32.15 7.69 -30.37
C GLY B 186 30.70 8.17 -30.50
N GLU B 187 30.06 7.87 -31.64
CA GLU B 187 28.73 8.38 -31.93
C GLU B 187 28.69 9.87 -31.58
N ARG B 188 27.75 10.29 -30.72
CA ARG B 188 27.84 11.57 -30.03
C ARG B 188 27.87 11.31 -28.53
N LEU B 189 28.48 10.18 -28.13
CA LEU B 189 28.38 9.68 -26.77
C LEU B 189 26.97 9.94 -26.26
N ARG B 190 26.03 9.31 -26.98
CA ARG B 190 24.60 9.38 -26.76
C ARG B 190 24.23 9.11 -25.29
N THR B 191 22.93 9.16 -24.98
CA THR B 191 22.45 9.14 -23.61
C THR B 191 21.82 7.78 -23.27
N MET B 192 22.16 7.22 -22.10
CA MET B 192 21.67 5.92 -21.69
C MET B 192 20.18 6.01 -21.29
N SER B 193 19.47 4.89 -21.46
CA SER B 193 18.04 4.81 -21.20
C SER B 193 17.75 4.98 -19.71
N CYS B 194 16.51 5.39 -19.38
CA CYS B 194 16.13 5.54 -17.98
C CYS B 194 16.25 4.24 -17.19
N SER B 195 15.94 3.09 -17.82
CA SER B 195 16.07 1.79 -17.18
C SER B 195 17.51 1.54 -16.76
N ASP B 196 18.46 1.89 -17.61
CA ASP B 196 19.87 1.68 -17.28
C ASP B 196 20.32 2.63 -16.17
N LYS B 197 19.81 3.85 -16.15
CA LYS B 197 20.19 4.80 -15.11
C LYS B 197 19.66 4.35 -13.76
N ILE B 198 18.40 3.88 -13.72
CA ILE B 198 17.84 3.40 -12.47
C ILE B 198 18.56 2.15 -11.99
N LEU B 199 18.85 1.23 -12.91
CA LEU B 199 19.72 0.09 -12.57
C LEU B 199 21.00 0.59 -11.89
N LYS B 200 21.61 1.65 -12.46
CA LYS B 200 22.82 2.22 -11.88
C LYS B 200 22.56 2.71 -10.47
N TRP B 201 21.44 3.42 -10.26
CA TRP B 201 21.09 3.94 -8.95
C TRP B 201 20.96 2.83 -7.91
N ASN B 202 20.54 1.64 -8.34
CA ASN B 202 20.40 0.49 -7.45
C ASN B 202 21.75 -0.21 -7.18
N VAL B 203 22.84 0.31 -7.74
CA VAL B 203 24.16 -0.19 -7.40
C VAL B 203 24.92 0.89 -6.63
N LEU B 204 24.81 2.15 -7.06
CA LEU B 204 25.66 3.25 -6.58
C LEU B 204 24.88 4.20 -5.69
N GLY B 205 23.56 4.03 -5.57
CA GLY B 205 22.71 4.99 -4.89
C GLY B 205 22.22 6.06 -5.86
N VAL B 206 21.20 6.82 -5.43
CA VAL B 206 20.57 7.82 -6.29
C VAL B 206 21.34 9.16 -6.22
N GLN B 207 22.32 9.28 -5.30
CA GLN B 207 22.82 10.59 -4.92
C GLN B 207 23.95 11.11 -5.82
N GLY B 208 24.69 10.24 -6.50
CA GLY B 208 25.74 10.67 -7.41
C GLY B 208 27.11 10.65 -6.71
N ALA B 209 28.15 10.79 -7.51
CA ALA B 209 29.53 10.84 -7.03
C ALA B 209 29.74 11.95 -6.00
N LEU B 210 29.33 13.17 -6.33
CA LEU B 210 29.66 14.34 -5.54
C LEU B 210 29.11 14.24 -4.13
N LEU B 211 27.80 13.96 -4.02
CA LEU B 211 27.17 13.85 -2.72
C LEU B 211 27.76 12.72 -1.90
N SER B 212 28.32 11.69 -2.55
CA SER B 212 28.91 10.59 -1.82
C SER B 212 30.20 11.01 -1.11
N LEU B 213 30.70 12.22 -1.39
CA LEU B 213 31.84 12.76 -0.67
C LEU B 213 31.43 13.08 0.76
N PHE B 214 30.13 13.35 0.98
CA PHE B 214 29.61 13.84 2.24
C PHE B 214 28.58 12.91 2.89
N ILE B 215 27.88 12.06 2.11
CA ILE B 215 26.83 11.20 2.67
C ILE B 215 27.04 9.76 2.23
N GLU B 216 26.50 8.82 2.99
CA GLU B 216 26.51 7.42 2.57
C GLU B 216 25.48 7.27 1.45
N PRO B 217 25.68 6.29 0.53
CA PRO B 217 24.76 6.08 -0.61
C PRO B 217 23.31 5.92 -0.14
N ILE B 218 22.39 6.65 -0.79
CA ILE B 218 20.97 6.48 -0.52
C ILE B 218 20.35 5.61 -1.62
N TYR B 219 19.72 4.51 -1.21
CA TYR B 219 19.13 3.54 -2.12
C TYR B 219 17.62 3.59 -2.05
N LEU B 220 16.97 3.30 -3.18
CA LEU B 220 15.52 3.26 -3.24
C LEU B 220 14.99 2.08 -2.44
N HIS B 221 13.98 2.36 -1.61
CA HIS B 221 13.30 1.30 -0.90
C HIS B 221 12.25 0.67 -1.82
N GLY B 222 11.67 1.45 -2.73
CA GLY B 222 10.68 0.88 -3.63
C GLY B 222 10.49 1.76 -4.85
N ILE B 223 9.93 1.14 -5.89
CA ILE B 223 9.72 1.82 -7.16
C ILE B 223 8.28 1.50 -7.58
N VAL B 224 7.50 2.55 -7.84
CA VAL B 224 6.08 2.39 -8.17
C VAL B 224 5.90 2.88 -9.61
N VAL B 225 5.37 1.99 -10.46
CA VAL B 225 5.28 2.24 -11.89
C VAL B 225 3.84 2.05 -12.38
N GLY B 226 3.34 3.04 -13.13
CA GLY B 226 1.99 3.01 -13.70
C GLY B 226 1.89 2.19 -15.00
N LEU B 227 1.77 2.89 -16.14
CA LEU B 227 1.45 2.27 -17.41
C LEU B 227 2.55 1.28 -17.82
N HIS B 228 2.12 0.21 -18.50
CA HIS B 228 2.94 -0.84 -19.08
C HIS B 228 3.76 -1.59 -18.01
N TYR B 229 3.32 -1.57 -16.76
CA TYR B 229 3.95 -2.33 -15.70
C TYR B 229 3.90 -3.84 -15.98
N ASN B 230 5.00 -4.50 -15.68
CA ASN B 230 5.10 -5.94 -15.61
C ASN B 230 6.23 -6.21 -14.61
N TYR B 231 5.90 -6.93 -13.55
CA TYR B 231 6.80 -7.19 -12.45
C TYR B 231 8.11 -7.77 -12.97
N ASP B 232 8.03 -8.87 -13.72
CA ASP B 232 9.19 -9.58 -14.21
C ASP B 232 10.08 -8.72 -15.10
N THR B 233 9.48 -7.89 -15.96
CA THR B 233 10.23 -7.00 -16.84
C THR B 233 11.02 -5.98 -16.02
N LEU B 234 10.36 -5.33 -15.07
CA LEU B 234 10.97 -4.34 -14.22
C LEU B 234 11.96 -4.96 -13.25
N LYS B 235 11.69 -6.18 -12.77
CA LYS B 235 12.67 -6.86 -11.93
C LYS B 235 14.00 -6.97 -12.69
N ARG B 236 13.95 -7.50 -13.92
CA ARG B 236 15.14 -7.67 -14.73
C ARG B 236 15.78 -6.31 -15.04
N ALA B 237 14.97 -5.36 -15.49
CA ALA B 237 15.49 -4.12 -16.04
C ALA B 237 16.23 -3.29 -14.99
N LEU B 238 15.65 -3.22 -13.80
CA LEU B 238 16.01 -2.20 -12.82
C LEU B 238 16.78 -2.79 -11.63
N ILE B 239 16.78 -4.11 -11.44
CA ILE B 239 17.26 -4.68 -10.20
C ILE B 239 18.23 -5.80 -10.53
N LYS B 240 17.71 -6.81 -11.20
CA LYS B 240 18.32 -8.12 -11.20
C LYS B 240 18.78 -8.44 -12.62
N ARG B 241 19.49 -7.52 -13.24
CA ARG B 241 19.82 -7.66 -14.65
C ARG B 241 21.08 -8.49 -14.84
N ILE B 242 22.10 -8.19 -14.05
CA ILE B 242 23.35 -8.94 -14.02
C ILE B 242 23.31 -9.82 -12.76
N ALA B 243 23.38 -11.14 -12.96
CA ALA B 243 23.26 -12.08 -11.85
C ALA B 243 24.40 -11.87 -10.85
N LYS B 244 25.58 -11.50 -11.35
CA LYS B 244 26.77 -11.39 -10.53
C LYS B 244 26.71 -10.13 -9.65
N MET B 245 27.59 -9.15 -9.92
CA MET B 245 27.76 -7.98 -9.07
C MET B 245 27.54 -8.38 -7.61
N ASP B 246 28.28 -9.38 -7.15
CA ASP B 246 28.46 -9.62 -5.72
C ASP B 246 29.82 -9.00 -5.37
N SER B 247 30.63 -9.67 -4.54
CA SER B 247 32.00 -9.21 -4.31
C SER B 247 32.03 -7.68 -4.37
N PHE B 248 31.10 -7.06 -3.61
CA PHE B 248 30.92 -5.62 -3.57
C PHE B 248 31.84 -5.02 -2.50
N SER B 249 31.67 -3.71 -2.25
CA SER B 249 32.42 -3.04 -1.19
C SER B 249 31.51 -2.07 -0.43
N GLN B 250 31.15 -2.44 0.81
CA GLN B 250 30.35 -1.58 1.67
C GLN B 250 30.95 -0.18 1.66
N PRO B 251 30.13 0.90 1.68
CA PRO B 251 28.68 0.81 1.87
C PRO B 251 27.84 0.59 0.60
N TYR B 252 28.45 -0.01 -0.42
CA TYR B 252 27.76 -0.31 -1.67
C TYR B 252 27.29 -1.78 -1.67
N GLN B 253 26.21 -2.02 -2.43
CA GLN B 253 25.56 -3.32 -2.49
C GLN B 253 24.52 -3.32 -3.61
N LEU B 254 24.11 -4.54 -4.01
CA LEU B 254 23.00 -4.74 -4.92
C LEU B 254 21.72 -4.49 -4.14
N ASN B 255 21.10 -3.34 -4.42
CA ASN B 255 19.86 -2.94 -3.77
C ASN B 255 18.71 -3.73 -4.37
N LEU B 256 17.80 -4.22 -3.50
CA LEU B 256 16.63 -4.98 -3.88
C LEU B 256 15.35 -4.23 -3.50
N PRO B 257 15.00 -3.14 -4.19
CA PRO B 257 13.79 -2.39 -3.87
C PRO B 257 12.60 -3.27 -4.22
N SER B 258 11.48 -3.00 -3.56
CA SER B 258 10.26 -3.67 -3.93
C SER B 258 9.64 -2.94 -5.12
N LEU B 259 8.82 -3.65 -5.87
CA LEU B 259 8.19 -3.09 -7.05
C LEU B 259 6.69 -3.01 -6.84
N GLY B 260 6.09 -1.92 -7.30
CA GLY B 260 4.67 -1.75 -7.11
C GLY B 260 3.98 -1.17 -8.34
N HIS B 261 2.65 -1.28 -8.37
CA HIS B 261 1.87 -0.70 -9.44
C HIS B 261 0.60 -0.06 -8.89
N PRO B 262 0.31 1.24 -9.16
CA PRO B 262 -0.94 1.85 -8.77
C PRO B 262 -2.11 1.28 -9.58
N SER B 263 -3.32 1.38 -9.04
CA SER B 263 -4.51 0.77 -9.61
C SER B 263 -5.06 1.52 -10.81
N LYS B 264 -5.02 2.87 -10.78
CA LYS B 264 -5.64 3.68 -11.83
C LYS B 264 -4.58 4.55 -12.50
N ILE B 265 -4.89 5.08 -13.70
CA ILE B 265 -3.91 5.88 -14.44
C ILE B 265 -4.56 6.99 -15.26
N ASP B 266 -3.75 7.93 -15.74
CA ASP B 266 -4.22 9.11 -16.45
C ASP B 266 -4.50 8.76 -17.92
N ALA B 267 -4.88 9.78 -18.71
CA ALA B 267 -5.30 9.62 -20.11
C ALA B 267 -4.19 9.07 -21.00
N VAL B 268 -2.94 9.08 -20.51
CA VAL B 268 -1.76 8.66 -21.26
C VAL B 268 -1.29 9.81 -22.15
N ARG B 269 -2.14 10.82 -22.35
CA ARG B 269 -1.90 11.91 -23.28
C ARG B 269 -1.38 11.36 -24.62
N ASP B 270 -2.19 10.51 -25.26
CA ASP B 270 -1.73 9.69 -26.37
C ASP B 270 -2.08 10.35 -27.71
N THR B 271 -2.33 11.67 -27.71
CA THR B 271 -2.51 12.40 -28.95
C THR B 271 -1.21 12.33 -29.74
N SER B 272 -1.27 12.61 -31.05
CA SER B 272 -0.06 12.65 -31.86
C SER B 272 0.78 13.86 -31.44
N LYS B 273 1.29 13.84 -30.20
CA LYS B 273 2.08 14.93 -29.65
C LYS B 273 2.79 14.41 -28.40
N SER B 274 3.91 15.04 -28.02
CA SER B 274 4.72 14.56 -26.90
C SER B 274 5.23 15.71 -26.03
N THR B 275 5.42 16.89 -26.64
CA THR B 275 5.82 18.12 -25.97
C THR B 275 7.35 18.18 -25.84
N SER B 276 7.90 19.39 -25.89
CA SER B 276 9.31 19.60 -25.67
C SER B 276 9.55 20.17 -24.27
N ASN B 277 8.47 20.55 -23.58
CA ASN B 277 8.60 21.13 -22.25
C ASN B 277 8.93 20.05 -21.23
N SER B 278 9.82 20.40 -20.28
CA SER B 278 10.13 19.56 -19.13
C SER B 278 10.02 20.42 -17.87
N PHE B 279 9.13 20.03 -16.95
CA PHE B 279 8.93 20.80 -15.74
C PHE B 279 9.65 20.14 -14.57
N ASN B 280 10.11 20.95 -13.61
CA ASN B 280 10.67 20.40 -12.38
C ASN B 280 10.24 21.23 -11.17
N TRP B 281 10.11 20.53 -10.03
CA TRP B 281 9.97 21.14 -8.74
C TRP B 281 10.67 20.26 -7.71
N TYR B 282 11.18 20.87 -6.64
CA TYR B 282 11.68 20.11 -5.52
C TYR B 282 11.50 20.93 -4.24
N TYR B 283 11.45 20.19 -3.13
CA TYR B 283 11.07 20.71 -1.83
C TYR B 283 11.90 21.94 -1.51
N GLY B 284 11.22 23.02 -1.13
CA GLY B 284 11.89 24.24 -0.73
C GLY B 284 11.90 25.29 -1.83
N GLN B 285 11.49 24.90 -3.05
CA GLN B 285 11.30 25.86 -4.14
C GLN B 285 9.86 26.35 -4.12
N ASN B 286 9.68 27.66 -4.39
CA ASN B 286 8.37 28.28 -4.47
C ASN B 286 7.82 28.18 -5.88
N THR B 287 8.62 27.66 -6.81
CA THR B 287 8.32 27.83 -8.22
C THR B 287 8.59 26.51 -8.96
N VAL B 288 7.85 26.33 -10.05
CA VAL B 288 8.08 25.26 -11.02
C VAL B 288 8.93 25.82 -12.15
N GLU B 289 10.07 25.19 -12.43
CA GLU B 289 10.94 25.64 -13.50
C GLU B 289 10.59 24.88 -14.77
N ALA B 290 10.53 25.61 -15.90
CA ALA B 290 10.14 25.06 -17.18
C ALA B 290 11.35 24.98 -18.11
N VAL B 291 11.70 23.78 -18.57
CA VAL B 291 12.88 23.60 -19.40
C VAL B 291 12.45 23.18 -20.79
N ASN B 292 13.14 23.73 -21.80
CA ASN B 292 13.02 23.27 -23.18
C ASN B 292 13.98 22.10 -23.36
N SER B 293 13.43 20.89 -23.52
CA SER B 293 14.18 19.65 -23.55
C SER B 293 15.13 19.60 -24.74
N ILE B 294 14.81 20.32 -25.83
CA ILE B 294 15.65 20.33 -27.02
C ILE B 294 16.88 21.20 -26.77
N THR B 295 16.75 22.26 -25.96
CA THR B 295 17.85 23.18 -25.73
C THR B 295 18.62 22.85 -24.44
N GLY B 296 17.99 22.17 -23.49
CA GLY B 296 18.63 21.84 -22.22
C GLY B 296 18.70 23.02 -21.25
N GLN B 297 17.88 24.05 -21.50
CA GLN B 297 17.88 25.27 -20.70
C GLN B 297 16.44 25.73 -20.51
N THR B 298 16.25 26.73 -19.63
CA THR B 298 14.94 27.26 -19.33
C THR B 298 14.36 27.88 -20.60
N VAL B 299 13.03 28.05 -20.57
CA VAL B 299 12.30 28.62 -21.68
C VAL B 299 12.57 30.12 -21.82
N ILE B 300 13.42 30.71 -20.95
CA ILE B 300 13.85 32.10 -21.10
C ILE B 300 15.36 32.16 -21.24
N GLN B 301 15.94 31.12 -21.87
CA GLN B 301 17.28 31.21 -22.44
C GLN B 301 18.34 31.17 -21.35
N THR B 302 18.00 30.62 -20.16
CA THR B 302 18.90 30.64 -19.01
C THR B 302 19.18 29.21 -18.55
N PRO B 303 20.29 28.98 -17.81
CA PRO B 303 20.59 27.65 -17.28
C PRO B 303 19.61 27.23 -16.18
N SER B 304 19.29 25.93 -16.16
CA SER B 304 18.39 25.38 -15.16
C SER B 304 19.06 25.35 -13.79
N ARG B 305 18.23 25.48 -12.75
CA ARG B 305 18.66 25.24 -11.38
C ARG B 305 19.05 23.76 -11.20
N LEU B 306 18.85 22.91 -12.21
CA LEU B 306 19.30 21.53 -12.11
C LEU B 306 20.58 21.23 -12.91
N CYS B 307 21.18 22.21 -13.60
CA CYS B 307 22.33 21.90 -14.45
C CYS B 307 23.58 21.60 -13.62
N LYS B 308 24.57 20.96 -14.25
CA LYS B 308 25.81 20.60 -13.58
C LYS B 308 26.42 21.82 -12.86
N LEU B 309 26.32 23.00 -13.46
CA LEU B 309 26.97 24.18 -12.90
C LEU B 309 26.29 24.58 -11.60
N ALA B 310 24.95 24.37 -11.53
CA ALA B 310 24.20 24.70 -10.34
C ALA B 310 24.58 23.73 -9.23
N PHE B 311 24.86 22.47 -9.57
CA PHE B 311 25.36 21.51 -8.60
C PHE B 311 26.76 21.90 -8.11
N PHE B 312 27.58 22.41 -9.01
CA PHE B 312 28.96 22.71 -8.69
C PHE B 312 29.01 23.90 -7.71
N ASP B 313 28.15 24.90 -7.94
CA ASP B 313 27.94 26.00 -6.99
C ASP B 313 27.53 25.43 -5.64
N LYS B 314 26.57 24.49 -5.61
CA LYS B 314 26.10 23.92 -4.35
C LYS B 314 27.23 23.21 -3.62
N LEU B 315 28.04 22.46 -4.38
CA LEU B 315 29.18 21.73 -3.83
C LEU B 315 30.13 22.69 -3.12
N ARG B 316 30.42 23.86 -3.70
CA ARG B 316 31.33 24.83 -3.09
C ARG B 316 30.71 25.44 -1.83
N LEU B 317 29.44 25.87 -1.93
CA LEU B 317 28.64 26.22 -0.77
C LEU B 317 28.90 25.19 0.33
N VAL B 318 28.60 23.91 0.05
CA VAL B 318 28.78 22.87 1.04
C VAL B 318 30.23 22.84 1.54
N ILE B 319 31.20 22.95 0.63
CA ILE B 319 32.61 22.86 1.01
C ILE B 319 32.95 23.93 2.03
N SER B 320 32.49 25.17 1.79
CA SER B 320 32.77 26.27 2.70
C SER B 320 32.19 26.05 4.09
N LEU B 321 31.08 25.30 4.21
CA LEU B 321 30.50 25.04 5.52
C LEU B 321 31.14 23.79 6.16
N SER B 322 31.81 22.98 5.35
CA SER B 322 32.35 21.72 5.84
C SER B 322 33.70 21.97 6.49
N SER B 323 34.13 21.02 7.34
CA SER B 323 35.45 21.13 7.95
C SER B 323 36.46 20.32 7.14
N ASN B 324 36.00 19.57 6.14
CA ASN B 324 36.84 18.66 5.40
C ASN B 324 37.44 19.39 4.20
N ARG B 325 38.60 18.92 3.74
CA ARG B 325 39.36 19.63 2.73
C ARG B 325 39.34 18.81 1.43
N PHE B 326 39.18 19.49 0.30
CA PHE B 326 38.95 18.83 -0.97
C PHE B 326 39.76 19.47 -2.07
N ALA B 327 40.59 18.66 -2.76
CA ALA B 327 41.53 19.15 -3.76
C ALA B 327 41.06 18.80 -5.17
N PHE B 328 40.61 19.80 -5.91
CA PHE B 328 40.17 19.59 -7.27
C PHE B 328 40.22 20.91 -8.02
N GLN B 329 40.48 20.87 -9.32
CA GLN B 329 40.21 22.09 -10.08
C GLN B 329 38.85 22.00 -10.77
N THR B 330 38.51 20.87 -11.39
CA THR B 330 37.24 20.87 -12.11
C THR B 330 36.19 20.02 -11.41
N TYR B 331 34.94 20.29 -11.81
CA TYR B 331 33.81 19.41 -11.60
C TYR B 331 34.28 17.97 -11.80
N HIS B 332 34.92 17.70 -12.93
CA HIS B 332 35.42 16.36 -13.24
C HIS B 332 36.28 15.85 -12.08
N ASP B 333 37.26 16.66 -11.66
CA ASP B 333 38.20 16.26 -10.63
C ASP B 333 37.49 16.01 -9.30
N ALA B 334 36.54 16.88 -8.96
CA ALA B 334 35.70 16.68 -7.79
C ALA B 334 35.02 15.30 -7.84
N LYS B 335 34.41 14.94 -8.96
CA LYS B 335 33.72 13.66 -9.04
C LYS B 335 34.72 12.54 -8.83
N MET B 336 35.95 12.70 -9.33
CA MET B 336 36.90 11.59 -9.22
C MET B 336 37.39 11.43 -7.77
N LEU B 337 37.12 12.41 -6.90
CA LEU B 337 37.49 12.32 -5.49
C LEU B 337 36.66 11.25 -4.79
N ALA B 338 35.47 10.95 -5.31
CA ALA B 338 34.61 9.94 -4.72
C ALA B 338 35.08 8.56 -5.13
N LYS B 339 36.18 8.10 -4.52
CA LYS B 339 36.91 6.94 -5.01
C LYS B 339 36.12 5.65 -4.81
N GLU B 340 35.33 5.54 -3.74
CA GLU B 340 34.54 4.34 -3.51
C GLU B 340 33.44 4.23 -4.57
N TYR B 341 32.81 5.37 -4.89
CA TYR B 341 31.72 5.43 -5.86
C TYR B 341 32.27 5.10 -7.25
N GLN B 342 33.38 5.76 -7.63
CA GLN B 342 33.96 5.58 -8.95
C GLN B 342 34.44 4.15 -9.15
N SER B 343 35.02 3.51 -8.12
CA SER B 343 35.49 2.16 -8.31
C SER B 343 34.31 1.17 -8.35
N THR B 344 33.24 1.43 -7.59
CA THR B 344 32.03 0.60 -7.72
C THR B 344 31.42 0.80 -9.12
N LYS B 345 31.45 2.03 -9.64
CA LYS B 345 30.93 2.32 -10.96
C LYS B 345 31.68 1.50 -12.01
N GLU B 346 33.01 1.45 -11.88
CA GLU B 346 33.84 0.72 -12.83
C GLU B 346 33.52 -0.77 -12.78
N TYR B 347 33.40 -1.34 -11.57
CA TYR B 347 33.03 -2.73 -11.41
C TYR B 347 31.65 -3.01 -12.04
N PHE B 348 30.72 -2.06 -11.88
CA PHE B 348 29.37 -2.22 -12.41
C PHE B 348 29.43 -2.32 -13.93
N PHE B 349 30.09 -1.36 -14.57
CA PHE B 349 30.23 -1.35 -16.02
C PHE B 349 30.86 -2.64 -16.55
N LYS B 350 31.88 -3.17 -15.84
CA LYS B 350 32.52 -4.39 -16.31
C LYS B 350 31.56 -5.56 -16.12
N ALA B 351 30.83 -5.59 -14.99
CA ALA B 351 29.87 -6.66 -14.76
C ALA B 351 28.85 -6.70 -15.90
N LEU B 352 28.44 -5.52 -16.39
CA LEU B 352 27.48 -5.42 -17.48
C LEU B 352 28.07 -5.97 -18.77
N SER B 353 29.30 -5.55 -19.07
CA SER B 353 30.00 -6.04 -20.25
C SER B 353 30.20 -7.56 -20.17
N GLU B 354 30.65 -8.06 -19.02
CA GLU B 354 30.90 -9.48 -18.86
C GLU B 354 29.62 -10.30 -19.07
N SER B 355 28.49 -9.77 -18.60
CA SER B 355 27.22 -10.48 -18.70
C SER B 355 26.57 -10.29 -20.07
N LEU B 356 27.26 -9.58 -20.98
CA LEU B 356 26.82 -9.41 -22.35
C LEU B 356 25.62 -8.47 -22.42
N CYS B 357 25.53 -7.50 -21.52
CA CYS B 357 24.52 -6.46 -21.65
C CYS B 357 24.99 -5.29 -22.51
N GLY B 358 26.26 -5.31 -22.95
CA GLY B 358 26.81 -4.21 -23.70
C GLY B 358 27.73 -3.32 -22.85
N LYS B 359 28.29 -2.31 -23.51
CA LYS B 359 29.17 -1.38 -22.86
C LYS B 359 28.44 -0.06 -22.72
N TRP B 360 28.42 0.42 -21.48
CA TRP B 360 27.94 1.76 -21.12
C TRP B 360 28.59 2.82 -22.00
N ILE B 361 27.77 3.77 -22.47
CA ILE B 361 28.28 4.92 -23.20
C ILE B 361 28.19 6.16 -22.32
N GLY B 362 29.35 6.62 -21.89
CA GLY B 362 29.45 7.78 -21.04
C GLY B 362 30.03 8.97 -21.79
N LYS B 363 29.59 10.18 -21.45
CA LYS B 363 30.06 11.37 -22.11
C LYS B 363 31.58 11.42 -21.99
N PRO B 364 32.29 12.20 -22.84
CA PRO B 364 33.72 12.40 -22.66
C PRO B 364 33.98 13.36 -21.48
N TYR B 365 35.11 13.13 -20.78
CA TYR B 365 35.46 13.84 -19.56
C TYR B 365 35.52 15.35 -19.76
N GLU B 366 35.66 15.81 -21.01
CA GLU B 366 35.88 17.22 -21.29
C GLU B 366 34.60 18.02 -21.07
N HIS B 367 33.43 17.34 -21.11
CA HIS B 367 32.16 17.97 -20.76
C HIS B 367 32.15 18.38 -19.29
N ASP B 368 32.89 17.64 -18.43
CA ASP B 368 32.93 17.90 -17.00
C ASP B 368 34.20 18.67 -16.60
N MET B 369 35.06 19.01 -17.56
CA MET B 369 36.26 19.77 -17.24
C MET B 369 35.95 21.26 -17.37
N PHE B 370 35.16 21.76 -16.42
CA PHE B 370 34.93 23.18 -16.25
C PHE B 370 35.17 23.50 -14.78
N GLY B 371 35.35 24.79 -14.47
CA GLY B 371 35.77 25.20 -13.14
C GLY B 371 35.52 26.67 -12.92
N TYR B 372 36.24 27.27 -11.96
CA TYR B 372 36.04 28.66 -11.57
C TYR B 372 37.03 29.03 -10.46
#